data_3ZOH
#
_entry.id   3ZOH
#
_cell.length_a   63.771
_cell.length_b   73.791
_cell.length_c   77.374
_cell.angle_alpha   90.00
_cell.angle_beta   90.07
_cell.angle_gamma   90.00
#
_symmetry.space_group_name_H-M   'P 1 21 1'
#
loop_
_entity.id
_entity.type
_entity.pdbx_description
1 polymer FLAVOREDOXIN
2 non-polymer cyclohex-2-en-1-one
3 non-polymer 'FLAVIN MONONUCLEOTIDE'
4 water water
#
_entity_poly.entity_id   1
_entity_poly.type   'polypeptide(L)'
_entity_poly.pdbx_seq_one_letter_code
;MRSYRAQGPLPGFYHYYPGVPAVVGVRVEERVNFCPAVWNTGLSADPPLFGVSISPKRFTHGLLLKARRFSASFHPFGQK
DLVHWLGSHSGREVDKGQAPHFLGHTGVPILEGAYAAYELELLEVHTFGDHDLFVGRVVAVWEEEGLLDEKGRPKPGLAL
LYYGKGLYGRPAEETFAP
;
_entity_poly.pdbx_strand_id   A,B,C,D
#
# COMPACT_ATOMS: atom_id res chain seq x y z
N MET A 1 -15.03 -16.36 35.91
CA MET A 1 -15.14 -15.28 34.88
C MET A 1 -15.69 -14.02 35.54
N ARG A 2 -14.96 -12.90 35.42
CA ARG A 2 -15.45 -11.60 35.88
C ARG A 2 -16.81 -11.32 35.23
N SER A 3 -17.75 -10.84 36.03
CA SER A 3 -18.99 -10.30 35.50
C SER A 3 -19.44 -9.10 36.31
N TYR A 4 -20.19 -8.22 35.66
CA TYR A 4 -20.86 -7.14 36.35
C TYR A 4 -22.15 -6.82 35.63
N ARG A 5 -23.10 -6.29 36.39
CA ARG A 5 -24.32 -5.75 35.82
C ARG A 5 -24.00 -4.38 35.24
N ALA A 6 -24.61 -4.07 34.10
CA ALA A 6 -24.39 -2.76 33.46
C ALA A 6 -25.17 -1.68 34.21
N GLN A 7 -24.50 -0.58 34.47
N GLN A 7 -24.50 -0.56 34.46
CA GLN A 7 -25.08 0.53 35.23
CA GLN A 7 -25.07 0.55 35.23
C GLN A 7 -24.97 1.83 34.45
C GLN A 7 -25.25 1.80 34.39
N GLY A 8 -24.88 1.70 33.12
CA GLY A 8 -24.82 2.84 32.23
C GLY A 8 -23.84 2.48 31.14
N PRO A 9 -23.26 3.49 30.46
CA PRO A 9 -22.25 3.18 29.45
C PRO A 9 -21.10 2.38 30.06
N LEU A 10 -20.55 1.45 29.30
CA LEU A 10 -19.49 0.58 29.82
C LEU A 10 -18.15 1.30 29.92
N PRO A 11 -17.29 0.89 30.87
CA PRO A 11 -15.97 1.52 30.99
C PRO A 11 -15.19 1.44 29.68
N GLY A 12 -15.26 0.30 29.01
CA GLY A 12 -14.74 0.14 27.66
C GLY A 12 -15.71 -0.73 26.90
N PHE A 13 -16.24 -0.22 25.79
CA PHE A 13 -17.24 -0.92 25.00
C PHE A 13 -16.55 -1.46 23.75
N TYR A 14 -15.59 -2.36 23.98
CA TYR A 14 -14.69 -2.81 22.91
C TYR A 14 -14.53 -4.32 22.81
N HIS A 15 -15.37 -5.06 23.54
CA HIS A 15 -15.26 -6.50 23.64
C HIS A 15 -15.44 -7.24 22.31
N TYR A 16 -16.16 -6.60 21.39
CA TYR A 16 -16.47 -7.19 20.08
C TYR A 16 -15.54 -6.68 18.97
N TYR A 17 -14.51 -5.92 19.36
CA TYR A 17 -13.48 -5.44 18.43
C TYR A 17 -12.38 -6.51 18.30
N PRO A 18 -11.52 -6.43 17.26
CA PRO A 18 -11.41 -5.38 16.26
C PRO A 18 -12.44 -5.49 15.15
N GLY A 19 -12.58 -4.40 14.39
CA GLY A 19 -13.43 -4.40 13.21
C GLY A 19 -12.82 -3.57 12.09
N VAL A 20 -13.31 -3.78 10.88
CA VAL A 20 -12.88 -2.95 9.76
C VAL A 20 -13.60 -1.59 9.79
N PRO A 21 -12.84 -0.48 9.74
CA PRO A 21 -13.54 0.79 9.62
C PRO A 21 -14.07 1.01 8.20
N ALA A 22 -15.33 1.39 8.09
CA ALA A 22 -15.87 1.80 6.80
C ALA A 22 -15.66 3.29 6.64
N VAL A 23 -14.88 3.70 5.64
CA VAL A 23 -14.77 5.13 5.40
C VAL A 23 -16.00 5.60 4.65
N VAL A 24 -16.75 6.49 5.30
CA VAL A 24 -18.01 6.98 4.77
C VAL A 24 -17.76 8.30 4.06
N GLY A 25 -17.98 8.29 2.75
CA GLY A 25 -17.80 9.49 1.94
C GLY A 25 -19.12 10.09 1.56
N VAL A 26 -19.25 11.40 1.76
CA VAL A 26 -20.50 12.08 1.47
C VAL A 26 -20.25 13.46 0.84
N ARG A 27 -21.04 13.77 -0.19
CA ARG A 27 -20.91 15.06 -0.89
C ARG A 27 -22.25 15.80 -0.89
N VAL A 28 -22.20 17.09 -0.59
CA VAL A 28 -23.37 17.97 -0.72
C VAL A 28 -22.87 19.15 -1.56
N GLU A 29 -23.40 19.23 -2.78
CA GLU A 29 -22.92 20.20 -3.77
C GLU A 29 -21.41 20.04 -3.97
N GLU A 30 -20.62 21.07 -3.65
CA GLU A 30 -19.19 20.97 -3.91
C GLU A 30 -18.41 20.39 -2.73
N ARG A 31 -19.06 20.34 -1.56
CA ARG A 31 -18.39 19.94 -0.34
C ARG A 31 -18.40 18.41 -0.16
N VAL A 32 -17.21 17.87 0.04
CA VAL A 32 -17.04 16.44 0.29
C VAL A 32 -16.58 16.27 1.74
N ASN A 33 -16.99 15.17 2.36
CA ASN A 33 -16.50 14.85 3.70
C ASN A 33 -16.26 13.35 3.79
N PHE A 34 -15.32 12.95 4.66
CA PHE A 34 -15.11 11.54 5.01
C PHE A 34 -15.01 11.34 6.51
N CYS A 35 -15.54 10.19 6.97
N CYS A 35 -15.63 10.28 7.02
CA CYS A 35 -15.67 9.83 8.40
CA CYS A 35 -15.35 9.89 8.39
C CYS A 35 -15.60 8.30 8.62
C CYS A 35 -15.43 8.37 8.46
N PRO A 36 -14.47 7.76 9.18
CA PRO A 36 -14.50 6.32 9.41
C PRO A 36 -15.56 5.91 10.44
N ALA A 37 -16.26 4.83 10.13
CA ALA A 37 -17.28 4.30 11.01
C ALA A 37 -16.94 2.85 11.29
N VAL A 38 -16.54 2.54 12.52
CA VAL A 38 -16.23 1.16 12.90
C VAL A 38 -17.50 0.38 13.30
N TRP A 39 -18.58 1.12 13.58
CA TRP A 39 -19.88 0.50 13.76
C TRP A 39 -20.54 0.40 12.39
N ASN A 40 -20.27 -0.70 11.70
CA ASN A 40 -20.87 -0.96 10.41
C ASN A 40 -21.13 -2.45 10.31
N THR A 41 -22.04 -2.82 9.42
CA THR A 41 -22.41 -4.21 9.28
C THR A 41 -23.20 -4.44 8.00
N GLY A 42 -23.02 -5.60 7.42
CA GLY A 42 -23.96 -6.13 6.44
C GLY A 42 -25.33 -6.17 7.10
N LEU A 43 -26.38 -5.95 6.32
CA LEU A 43 -27.73 -6.05 6.86
C LEU A 43 -28.66 -6.90 6.03
N SER A 44 -28.32 -7.09 4.76
CA SER A 44 -29.12 -7.89 3.85
C SER A 44 -28.28 -8.29 2.65
N ALA A 45 -28.51 -9.51 2.14
CA ALA A 45 -27.82 -9.97 0.95
C ALA A 45 -28.66 -9.71 -0.30
N ASP A 46 -29.96 -9.99 -0.18
CA ASP A 46 -30.92 -9.81 -1.27
C ASP A 46 -32.13 -9.00 -0.78
N PRO A 47 -32.14 -7.67 -1.04
CA PRO A 47 -31.16 -6.87 -1.76
C PRO A 47 -29.90 -6.60 -0.92
N PRO A 48 -28.76 -6.24 -1.56
CA PRO A 48 -27.56 -5.92 -0.76
C PRO A 48 -27.72 -4.61 0.02
N LEU A 49 -27.80 -4.72 1.33
CA LEU A 49 -27.88 -3.55 2.20
C LEU A 49 -26.67 -3.53 3.12
N PHE A 50 -26.29 -2.33 3.57
CA PHE A 50 -25.11 -2.17 4.42
C PHE A 50 -25.36 -0.96 5.31
N GLY A 51 -25.12 -1.12 6.60
CA GLY A 51 -25.39 -0.06 7.59
C GLY A 51 -24.15 0.51 8.23
N VAL A 52 -24.17 1.83 8.45
CA VAL A 52 -23.17 2.53 9.27
C VAL A 52 -23.89 3.30 10.36
N SER A 53 -23.33 3.22 11.56
CA SER A 53 -23.89 3.85 12.75
C SER A 53 -23.11 5.13 13.06
N ILE A 54 -23.77 6.27 12.88
CA ILE A 54 -23.12 7.58 12.99
C ILE A 54 -23.78 8.47 14.06
N SER A 55 -22.95 9.05 14.94
CA SER A 55 -23.46 9.94 15.99
C SER A 55 -24.00 11.23 15.39
N PRO A 56 -25.15 11.72 15.89
CA PRO A 56 -25.69 13.03 15.53
C PRO A 56 -24.66 14.16 15.68
N LYS A 57 -23.59 13.92 16.44
CA LYS A 57 -22.54 14.90 16.72
C LYS A 57 -21.56 15.08 15.57
N ARG A 58 -21.54 14.11 14.66
CA ARG A 58 -20.63 14.14 13.51
C ARG A 58 -21.15 15.11 12.45
N PHE A 59 -20.22 15.84 11.83
CA PHE A 59 -20.56 16.69 10.69
C PHE A 59 -21.18 15.85 9.59
N THR A 60 -20.61 14.68 9.36
CA THR A 60 -21.15 13.69 8.42
C THR A 60 -22.65 13.36 8.57
N HIS A 61 -23.12 13.28 9.82
CA HIS A 61 -24.52 12.97 10.08
C HIS A 61 -25.47 13.85 9.26
N GLY A 62 -25.35 15.17 9.44
CA GLY A 62 -26.19 16.15 8.75
C GLY A 62 -26.09 16.04 7.25
N LEU A 63 -24.87 15.80 6.76
CA LEU A 63 -24.62 15.67 5.33
C LEU A 63 -25.29 14.44 4.72
N LEU A 64 -25.35 13.36 5.51
CA LEU A 64 -25.96 12.12 5.04
C LEU A 64 -27.43 12.34 4.79
N LEU A 65 -28.07 13.03 5.73
CA LEU A 65 -29.50 13.30 5.65
C LEU A 65 -29.81 14.21 4.45
N LYS A 66 -28.92 15.17 4.19
CA LYS A 66 -29.08 16.02 3.00
C LYS A 66 -28.95 15.22 1.70
N ALA A 67 -27.82 14.54 1.54
CA ALA A 67 -27.48 13.87 0.28
C ALA A 67 -28.28 12.59 0.03
N ARG A 68 -28.59 11.85 1.09
CA ARG A 68 -29.35 10.59 0.99
C ARG A 68 -28.60 9.56 0.16
N ARG A 69 -27.29 9.79 -0.03
CA ARG A 69 -26.40 8.91 -0.77
C ARG A 69 -25.05 8.98 -0.09
N PHE A 70 -24.29 7.90 -0.14
CA PHE A 70 -22.92 7.90 0.39
C PHE A 70 -22.10 6.76 -0.17
N SER A 71 -20.79 6.82 0.07
CA SER A 71 -19.89 5.70 -0.20
C SER A 71 -19.55 5.04 1.11
N ALA A 72 -19.13 3.78 1.03
CA ALA A 72 -18.39 3.17 2.12
C ALA A 72 -17.20 2.47 1.45
N SER A 73 -16.00 2.87 1.85
CA SER A 73 -14.78 2.32 1.30
C SER A 73 -13.94 1.60 2.36
N PHE A 74 -13.22 0.59 1.91
CA PHE A 74 -12.49 -0.29 2.79
C PHE A 74 -11.04 -0.28 2.35
N HIS A 75 -10.16 0.06 3.30
CA HIS A 75 -8.81 0.50 2.98
C HIS A 75 -7.73 -0.43 3.51
N PRO A 76 -6.63 -0.58 2.74
CA PRO A 76 -5.50 -1.39 3.17
C PRO A 76 -4.86 -0.81 4.44
N PHE A 77 -4.22 -1.66 5.23
CA PHE A 77 -3.51 -1.26 6.43
C PHE A 77 -2.51 -0.10 6.21
N GLY A 78 -1.97 -0.02 4.99
CA GLY A 78 -1.04 1.04 4.61
C GLY A 78 -1.61 2.45 4.60
N GLN A 79 -2.93 2.56 4.82
CA GLN A 79 -3.59 3.86 4.94
C GLN A 79 -4.09 4.17 6.36
N LYS A 80 -3.52 3.48 7.34
CA LYS A 80 -3.93 3.65 8.74
C LYS A 80 -3.84 5.12 9.18
N ASP A 81 -2.78 5.80 8.77
CA ASP A 81 -2.58 7.20 9.15
C ASP A 81 -3.64 8.13 8.58
N LEU A 82 -3.99 7.94 7.32
CA LEU A 82 -5.06 8.72 6.71
C LEU A 82 -6.40 8.44 7.36
N VAL A 83 -6.74 7.15 7.51
CA VAL A 83 -8.00 6.79 8.17
C VAL A 83 -8.11 7.38 9.58
N HIS A 84 -7.04 7.29 10.35
CA HIS A 84 -7.05 7.86 11.69
C HIS A 84 -7.26 9.38 11.63
N TRP A 85 -6.52 10.04 10.75
CA TRP A 85 -6.64 11.48 10.57
C TRP A 85 -8.08 11.90 10.31
N LEU A 86 -8.75 11.21 9.38
CA LEU A 86 -10.14 11.48 9.07
C LEU A 86 -11.08 11.25 10.27
N GLY A 87 -10.68 10.38 11.18
CA GLY A 87 -11.51 10.07 12.35
C GLY A 87 -11.14 10.83 13.61
N SER A 88 -10.25 11.82 13.46
CA SER A 88 -9.75 12.59 14.60
C SER A 88 -9.87 14.09 14.37
N HIS A 89 -10.48 14.48 13.25
CA HIS A 89 -10.78 15.87 12.92
C HIS A 89 -12.13 15.90 12.24
N SER A 90 -12.85 16.99 12.46
CA SER A 90 -14.17 17.18 11.91
C SER A 90 -14.17 18.08 10.68
N GLY A 91 -15.12 17.81 9.78
CA GLY A 91 -15.40 18.71 8.64
C GLY A 91 -15.79 20.12 9.06
N ARG A 92 -16.27 20.29 10.29
CA ARG A 92 -16.53 21.62 10.87
C ARG A 92 -15.27 22.50 10.96
N GLU A 93 -14.10 21.88 11.00
N GLU A 93 -14.11 21.85 11.03
CA GLU A 93 -12.87 22.63 11.20
CA GLU A 93 -12.83 22.53 11.28
C GLU A 93 -11.80 22.37 10.14
C GLU A 93 -11.86 22.42 10.11
N VAL A 94 -12.04 21.40 9.26
CA VAL A 94 -11.07 21.10 8.19
C VAL A 94 -11.76 20.56 6.93
N ASP A 95 -11.21 20.88 5.76
CA ASP A 95 -11.79 20.38 4.51
C ASP A 95 -11.21 19.03 4.13
N LYS A 96 -11.91 17.98 4.56
CA LYS A 96 -11.51 16.61 4.31
C LYS A 96 -11.69 16.24 2.86
N GLY A 97 -12.43 17.07 2.13
CA GLY A 97 -12.63 16.92 0.69
C GLY A 97 -11.37 17.08 -0.12
N GLN A 98 -10.30 17.54 0.53
CA GLN A 98 -9.00 17.64 -0.13
C GLN A 98 -8.17 16.36 -0.08
N ALA A 99 -8.58 15.39 0.74
CA ALA A 99 -8.00 14.05 0.67
C ALA A 99 -8.26 13.49 -0.73
N PRO A 100 -7.25 12.85 -1.35
CA PRO A 100 -7.43 12.36 -2.72
C PRO A 100 -8.66 11.47 -2.82
N HIS A 101 -9.56 11.79 -3.74
CA HIS A 101 -10.79 11.03 -3.93
C HIS A 101 -11.30 11.13 -5.37
N PHE A 102 -12.26 10.27 -5.70
CA PHE A 102 -12.96 10.39 -6.97
C PHE A 102 -14.46 10.26 -6.75
N LEU A 103 -15.23 10.70 -7.74
CA LEU A 103 -16.67 10.57 -7.64
C LEU A 103 -17.15 9.33 -8.36
N GLY A 104 -18.09 8.62 -7.73
CA GLY A 104 -18.63 7.38 -8.27
C GLY A 104 -19.69 7.59 -9.32
N HIS A 105 -20.28 6.50 -9.77
CA HIS A 105 -21.32 6.55 -10.81
C HIS A 105 -22.52 7.38 -10.38
N THR A 106 -22.80 7.38 -9.08
CA THR A 106 -23.98 8.05 -8.53
C THR A 106 -23.67 9.44 -7.97
N GLY A 107 -22.40 9.82 -8.03
CA GLY A 107 -21.94 11.14 -7.62
C GLY A 107 -21.42 11.22 -6.19
N VAL A 108 -21.26 10.06 -5.55
CA VAL A 108 -20.74 9.98 -4.19
C VAL A 108 -19.20 10.01 -4.22
N PRO A 109 -18.58 10.63 -3.20
CA PRO A 109 -17.13 10.71 -3.18
C PRO A 109 -16.49 9.47 -2.56
N ILE A 110 -15.52 8.89 -3.27
CA ILE A 110 -14.86 7.67 -2.82
C ILE A 110 -13.40 7.93 -2.57
N LEU A 111 -12.99 7.66 -1.33
CA LEU A 111 -11.62 7.88 -0.88
C LEU A 111 -10.61 7.02 -1.64
N GLU A 112 -9.68 7.66 -2.34
N GLU A 112 -9.66 7.67 -2.32
CA GLU A 112 -8.71 6.93 -3.14
CA GLU A 112 -8.61 7.02 -3.10
C GLU A 112 -7.83 6.02 -2.30
C GLU A 112 -7.83 6.01 -2.26
N GLY A 113 -7.51 4.86 -2.87
CA GLY A 113 -6.66 3.88 -2.23
C GLY A 113 -7.36 2.65 -1.71
N ALA A 114 -8.68 2.65 -1.75
CA ALA A 114 -9.47 1.53 -1.23
C ALA A 114 -9.28 0.24 -2.03
N TYR A 115 -9.36 -0.91 -1.37
CA TYR A 115 -9.37 -2.18 -2.11
C TYR A 115 -10.77 -2.57 -2.57
N ALA A 116 -11.78 -1.93 -1.98
CA ALA A 116 -13.17 -2.08 -2.38
C ALA A 116 -13.98 -0.89 -1.88
N ALA A 117 -15.08 -0.60 -2.59
CA ALA A 117 -16.00 0.44 -2.13
C ALA A 117 -17.39 0.17 -2.62
N TYR A 118 -18.36 0.66 -1.85
CA TYR A 118 -19.75 0.63 -2.20
C TYR A 118 -20.21 2.07 -2.45
N GLU A 119 -21.08 2.23 -3.44
CA GLU A 119 -21.92 3.41 -3.56
C GLU A 119 -23.28 3.03 -3.02
N LEU A 120 -23.79 3.77 -2.04
CA LEU A 120 -25.07 3.45 -1.44
C LEU A 120 -26.08 4.57 -1.62
N GLU A 121 -27.34 4.18 -1.76
CA GLU A 121 -28.48 5.10 -1.62
C GLU A 121 -29.08 4.90 -0.24
N LEU A 122 -29.35 5.99 0.46
CA LEU A 122 -29.86 5.90 1.84
C LEU A 122 -31.33 5.49 1.84
N LEU A 123 -31.64 4.38 2.52
CA LEU A 123 -33.03 3.88 2.55
C LEU A 123 -33.78 4.29 3.81
N GLU A 124 -33.16 4.04 4.97
CA GLU A 124 -33.76 4.35 6.26
C GLU A 124 -32.70 4.84 7.23
N VAL A 125 -33.16 5.62 8.21
CA VAL A 125 -32.32 6.02 9.33
C VAL A 125 -33.05 5.64 10.62
N HIS A 126 -32.35 5.00 11.54
CA HIS A 126 -32.94 4.63 12.82
C HIS A 126 -32.12 5.08 14.02
N THR A 127 -32.75 5.74 14.98
CA THR A 127 -32.08 6.13 16.22
C THR A 127 -32.01 4.96 17.20
N PHE A 128 -30.79 4.55 17.52
CA PHE A 128 -30.58 3.60 18.60
C PHE A 128 -29.70 4.28 19.64
N GLY A 129 -30.32 4.73 20.73
CA GLY A 129 -29.63 5.51 21.74
C GLY A 129 -28.86 6.69 21.15
N ASP A 130 -27.55 6.72 21.34
CA ASP A 130 -26.75 7.91 20.96
C ASP A 130 -26.14 7.90 19.55
N HIS A 131 -26.54 6.92 18.73
CA HIS A 131 -26.14 6.90 17.32
C HIS A 131 -27.33 6.59 16.41
N ASP A 132 -27.27 7.07 15.18
CA ASP A 132 -28.26 6.74 14.18
C ASP A 132 -27.70 5.75 13.16
N LEU A 133 -28.41 4.65 12.97
CA LEU A 133 -28.02 3.68 11.94
C LEU A 133 -28.54 4.13 10.57
N PHE A 134 -27.61 4.39 9.67
CA PHE A 134 -27.91 4.71 8.26
C PHE A 134 -27.84 3.44 7.45
N VAL A 135 -29.00 3.02 6.96
CA VAL A 135 -29.18 1.79 6.18
C VAL A 135 -29.14 2.15 4.70
N GLY A 136 -28.10 1.67 4.03
CA GLY A 136 -27.90 1.97 2.62
C GLY A 136 -28.13 0.78 1.71
N ARG A 137 -28.72 1.04 0.56
CA ARG A 137 -28.78 0.04 -0.51
C ARG A 137 -27.52 0.14 -1.36
N VAL A 138 -26.83 -0.98 -1.56
CA VAL A 138 -25.67 -1.01 -2.44
C VAL A 138 -26.14 -0.90 -3.89
N VAL A 139 -25.77 0.20 -4.55
CA VAL A 139 -26.15 0.43 -5.95
C VAL A 139 -24.99 0.29 -6.96
N ALA A 140 -23.75 0.43 -6.48
CA ALA A 140 -22.58 0.14 -7.28
C ALA A 140 -21.41 -0.33 -6.42
N VAL A 141 -20.51 -1.09 -7.02
CA VAL A 141 -19.40 -1.71 -6.28
C VAL A 141 -18.10 -1.40 -6.99
N TRP A 142 -17.09 -1.01 -6.21
CA TRP A 142 -15.73 -0.83 -6.71
C TRP A 142 -14.83 -1.89 -6.09
N GLU A 143 -13.98 -2.51 -6.91
CA GLU A 143 -13.04 -3.53 -6.44
C GLU A 143 -11.69 -3.35 -7.11
N GLU A 144 -10.65 -3.22 -6.30
CA GLU A 144 -9.29 -3.31 -6.80
C GLU A 144 -8.98 -4.80 -6.92
N GLU A 145 -9.29 -5.37 -8.08
CA GLU A 145 -9.11 -6.80 -8.30
C GLU A 145 -7.63 -7.17 -8.35
N GLY A 146 -7.32 -8.33 -7.80
CA GLY A 146 -5.96 -8.72 -7.48
C GLY A 146 -5.86 -8.82 -5.97
N LEU A 147 -6.66 -8.01 -5.28
CA LEU A 147 -6.68 -7.96 -3.82
C LEU A 147 -7.87 -8.70 -3.18
N LEU A 148 -8.81 -9.13 -4.00
CA LEU A 148 -9.90 -10.00 -3.56
C LEU A 148 -9.79 -11.39 -4.19
N ASP A 149 -9.98 -12.45 -3.39
CA ASP A 149 -9.99 -13.81 -3.92
C ASP A 149 -11.19 -14.05 -4.86
N GLU A 150 -11.32 -15.26 -5.40
CA GLU A 150 -12.37 -15.52 -6.38
C GLU A 150 -13.78 -15.55 -5.77
N LYS A 151 -13.85 -15.63 -4.44
CA LYS A 151 -15.12 -15.57 -3.71
C LYS A 151 -15.45 -14.13 -3.30
N GLY A 152 -14.54 -13.20 -3.61
CA GLY A 152 -14.77 -11.78 -3.34
C GLY A 152 -14.26 -11.32 -1.98
N ARG A 153 -13.56 -12.20 -1.29
CA ARG A 153 -13.09 -11.90 0.06
C ARG A 153 -11.74 -11.21 -0.04
N PRO A 154 -11.54 -10.12 0.74
CA PRO A 154 -10.26 -9.43 0.72
C PRO A 154 -9.15 -10.34 1.24
N LYS A 155 -8.00 -10.31 0.57
CA LYS A 155 -6.85 -11.16 0.90
C LYS A 155 -6.45 -11.00 2.37
N PRO A 156 -6.19 -12.13 3.07
CA PRO A 156 -5.80 -12.08 4.47
C PRO A 156 -4.54 -11.25 4.66
N GLY A 157 -4.54 -10.37 5.65
CA GLY A 157 -3.39 -9.49 5.90
C GLY A 157 -3.57 -8.07 5.39
N LEU A 158 -4.48 -7.89 4.44
CA LEU A 158 -4.70 -6.61 3.79
C LEU A 158 -5.47 -5.60 4.64
N ALA A 159 -6.50 -6.07 5.33
CA ALA A 159 -7.47 -5.17 5.97
C ALA A 159 -6.88 -4.33 7.09
N LEU A 160 -7.35 -3.10 7.17
CA LEU A 160 -7.07 -2.26 8.31
C LEU A 160 -8.06 -2.64 9.40
N LEU A 161 -7.53 -3.02 10.57
CA LEU A 161 -8.37 -3.34 11.72
C LEU A 161 -8.27 -2.25 12.76
N TYR A 162 -9.40 -1.95 13.40
CA TYR A 162 -9.44 -0.98 14.47
C TYR A 162 -9.83 -1.67 15.76
N TYR A 163 -9.06 -1.43 16.81
CA TYR A 163 -9.33 -2.00 18.13
C TYR A 163 -10.03 -1.00 19.06
N GLY A 164 -10.16 0.24 18.61
CA GLY A 164 -10.78 1.28 19.41
C GLY A 164 -9.74 2.17 20.07
N LYS A 165 -10.15 3.37 20.48
CA LYS A 165 -9.26 4.32 21.16
C LYS A 165 -7.91 4.47 20.48
N GLY A 166 -7.92 4.67 19.16
CA GLY A 166 -6.71 4.98 18.41
C GLY A 166 -5.77 3.83 18.14
N LEU A 167 -6.16 2.60 18.51
CA LEU A 167 -5.29 1.43 18.31
C LEU A 167 -5.70 0.66 17.06
N TYR A 168 -4.73 0.44 16.16
CA TYR A 168 -5.00 -0.28 14.90
C TYR A 168 -4.15 -1.53 14.73
N GLY A 169 -4.46 -2.29 13.69
CA GLY A 169 -3.68 -3.45 13.30
C GLY A 169 -4.18 -4.02 11.99
N ARG A 170 -3.89 -5.30 11.78
CA ARG A 170 -4.25 -5.98 10.55
C ARG A 170 -4.45 -7.45 10.88
N PRO A 171 -5.10 -8.21 9.99
CA PRO A 171 -5.20 -9.62 10.31
C PRO A 171 -3.89 -10.33 9.97
N ALA A 172 -3.64 -11.47 10.61
CA ALA A 172 -2.49 -12.32 10.27
C ALA A 172 -2.66 -12.86 8.85
N GLU A 173 -1.58 -13.34 8.24
CA GLU A 173 -1.64 -13.76 6.84
C GLU A 173 -2.25 -15.14 6.59
N GLU A 174 -2.13 -16.06 7.55
CA GLU A 174 -2.65 -17.40 7.36
C GLU A 174 -4.13 -17.50 7.76
N THR A 175 -4.80 -18.51 7.23
CA THR A 175 -6.22 -18.70 7.45
C THR A 175 -6.53 -20.12 7.93
N PHE A 176 -7.81 -20.39 8.14
CA PHE A 176 -8.28 -21.72 8.51
C PHE A 176 -9.61 -22.01 7.84
N ALA A 177 -9.73 -23.21 7.28
CA ALA A 177 -10.99 -23.70 6.71
C ALA A 177 -11.46 -24.96 7.44
N PRO A 178 -12.32 -24.79 8.46
CA PRO A 178 -12.84 -25.91 9.27
C PRO A 178 -13.69 -26.88 8.46
N MET B 1 -9.25 0.44 -10.82
N MET B 1 -9.18 -0.64 -9.99
CA MET B 1 -10.29 -0.11 -9.91
CA MET B 1 -10.52 -0.12 -9.59
C MET B 1 -11.57 -0.46 -10.69
C MET B 1 -11.62 -0.45 -10.60
N ARG B 2 -11.87 -1.75 -10.79
CA ARG B 2 -13.04 -2.25 -11.52
C ARG B 2 -14.32 -1.79 -10.83
N SER B 3 -15.38 -1.57 -11.60
CA SER B 3 -16.68 -1.24 -11.02
C SER B 3 -17.84 -1.83 -11.80
N TYR B 4 -18.95 -2.06 -11.10
CA TYR B 4 -20.19 -2.50 -11.71
C TYR B 4 -21.38 -1.95 -10.95
N ARG B 5 -22.50 -1.82 -11.64
CA ARG B 5 -23.75 -1.45 -11.00
C ARG B 5 -24.47 -2.68 -10.48
N ALA B 6 -24.91 -2.60 -9.23
CA ALA B 6 -25.68 -3.68 -8.60
C ALA B 6 -26.88 -4.08 -9.45
N GLN B 7 -27.00 -5.39 -9.66
N GLN B 7 -27.03 -5.39 -9.65
CA GLN B 7 -28.07 -5.96 -10.48
CA GLN B 7 -28.13 -5.93 -10.47
C GLN B 7 -28.79 -7.05 -9.70
C GLN B 7 -29.00 -6.89 -9.68
N GLY B 8 -28.78 -6.93 -8.37
CA GLY B 8 -29.37 -7.92 -7.48
C GLY B 8 -28.35 -8.21 -6.39
N PRO B 9 -28.44 -9.39 -5.76
CA PRO B 9 -27.41 -9.74 -4.76
C PRO B 9 -26.02 -9.78 -5.38
N LEU B 10 -25.03 -9.31 -4.63
CA LEU B 10 -23.65 -9.26 -5.11
C LEU B 10 -23.08 -10.66 -5.33
N PRO B 11 -22.16 -10.81 -6.31
CA PRO B 11 -21.52 -12.10 -6.54
C PRO B 11 -20.85 -12.62 -5.26
N GLY B 12 -20.29 -11.69 -4.50
CA GLY B 12 -19.84 -11.94 -3.13
C GLY B 12 -20.10 -10.66 -2.36
N PHE B 13 -20.54 -10.79 -1.11
CA PHE B 13 -20.83 -9.62 -0.28
C PHE B 13 -19.86 -9.64 0.90
N TYR B 14 -18.57 -9.58 0.60
CA TYR B 14 -17.52 -9.77 1.61
C TYR B 14 -16.50 -8.64 1.69
N HIS B 15 -16.81 -7.53 1.03
CA HIS B 15 -15.83 -6.45 0.86
C HIS B 15 -15.39 -5.82 2.16
N TYR B 16 -16.25 -5.95 3.18
CA TYR B 16 -16.09 -5.27 4.46
C TYR B 16 -15.64 -6.26 5.53
N TYR B 17 -15.25 -7.47 5.12
CA TYR B 17 -14.73 -8.49 6.03
C TYR B 17 -13.20 -8.32 6.16
N PRO B 18 -12.60 -8.90 7.21
CA PRO B 18 -13.21 -9.81 8.16
C PRO B 18 -13.89 -9.10 9.33
N GLY B 19 -14.60 -9.87 10.13
CA GLY B 19 -15.19 -9.38 11.35
C GLY B 19 -15.28 -10.47 12.41
N VAL B 20 -15.43 -10.04 13.66
CA VAL B 20 -15.57 -10.97 14.76
C VAL B 20 -16.99 -11.57 14.71
N PRO B 21 -17.09 -12.92 14.73
CA PRO B 21 -18.43 -13.50 14.81
C PRO B 21 -18.97 -13.54 16.23
N ALA B 22 -20.08 -12.85 16.47
CA ALA B 22 -20.75 -12.85 17.78
C ALA B 22 -21.61 -14.10 17.94
N VAL B 23 -21.29 -14.91 18.95
CA VAL B 23 -22.09 -16.10 19.15
C VAL B 23 -23.32 -15.70 19.94
N VAL B 24 -24.47 -15.83 19.29
CA VAL B 24 -25.73 -15.42 19.89
C VAL B 24 -26.28 -16.65 20.59
N GLY B 25 -26.40 -16.54 21.90
CA GLY B 25 -27.00 -17.59 22.71
C GLY B 25 -28.43 -17.25 23.08
N VAL B 26 -29.33 -18.23 22.97
CA VAL B 26 -30.74 -17.99 23.33
C VAL B 26 -31.34 -19.23 24.00
N ARG B 27 -32.14 -18.98 25.03
CA ARG B 27 -32.79 -20.08 25.77
C ARG B 27 -34.28 -19.79 25.86
N VAL B 28 -35.09 -20.79 25.48
CA VAL B 28 -36.54 -20.73 25.67
C VAL B 28 -36.91 -21.97 26.46
N GLU B 29 -37.50 -21.77 27.63
CA GLU B 29 -37.71 -22.86 28.59
C GLU B 29 -36.41 -23.62 28.80
N GLU B 30 -36.42 -24.93 28.54
CA GLU B 30 -35.23 -25.76 28.74
C GLU B 30 -34.25 -25.67 27.58
N ARG B 31 -34.75 -25.29 26.40
CA ARG B 31 -33.98 -25.38 25.16
C ARG B 31 -32.99 -24.21 25.00
N VAL B 32 -31.75 -24.55 24.65
CA VAL B 32 -30.65 -23.58 24.43
C VAL B 32 -30.16 -23.72 22.98
N ASN B 33 -30.06 -22.61 22.28
CA ASN B 33 -29.52 -22.60 20.92
C ASN B 33 -28.43 -21.55 20.81
N PHE B 34 -27.40 -21.85 20.01
CA PHE B 34 -26.30 -20.91 19.69
C PHE B 34 -26.10 -20.78 18.18
N CYS B 35 -25.79 -19.56 17.75
CA CYS B 35 -25.76 -19.22 16.35
C CYS B 35 -24.76 -18.07 16.19
N PRO B 36 -23.66 -18.30 15.45
CA PRO B 36 -22.77 -17.17 15.24
C PRO B 36 -23.36 -16.14 14.26
N ALA B 37 -23.05 -14.89 14.51
CA ALA B 37 -23.51 -13.81 13.67
C ALA B 37 -22.34 -12.85 13.41
N VAL B 38 -21.85 -12.85 12.17
CA VAL B 38 -20.76 -11.96 11.77
C VAL B 38 -21.32 -10.59 11.40
N TRP B 39 -22.62 -10.55 11.12
CA TRP B 39 -23.30 -9.28 10.97
C TRP B 39 -23.71 -8.79 12.34
N ASN B 40 -22.77 -8.11 12.99
CA ASN B 40 -23.02 -7.52 14.30
C ASN B 40 -22.34 -6.17 14.35
N THR B 41 -22.77 -5.31 15.28
CA THR B 41 -22.22 -3.96 15.39
C THR B 41 -22.62 -3.31 16.70
N GLY B 42 -21.74 -2.46 17.21
CA GLY B 42 -22.10 -1.54 18.29
C GLY B 42 -23.17 -0.66 17.68
N LEU B 43 -24.12 -0.20 18.50
CA LEU B 43 -25.14 0.74 18.03
C LEU B 43 -25.28 2.00 18.90
N SER B 44 -24.87 1.91 20.17
CA SER B 44 -24.94 3.04 21.11
C SER B 44 -23.97 2.82 22.25
N ALA B 45 -23.43 3.92 22.80
CA ALA B 45 -22.57 3.83 23.96
C ALA B 45 -23.37 4.08 25.21
N ASP B 46 -24.21 5.11 25.17
CA ASP B 46 -25.01 5.52 26.32
C ASP B 46 -26.44 5.69 25.85
N PRO B 47 -27.28 4.67 26.07
CA PRO B 47 -27.01 3.39 26.72
C PRO B 47 -26.26 2.42 25.81
N PRO B 48 -25.62 1.40 26.39
CA PRO B 48 -24.85 0.44 25.58
C PRO B 48 -25.77 -0.50 24.79
N LEU B 49 -25.88 -0.25 23.47
CA LEU B 49 -26.67 -1.12 22.60
C LEU B 49 -25.80 -1.86 21.57
N PHE B 50 -26.20 -3.10 21.30
CA PHE B 50 -25.44 -3.96 20.42
C PHE B 50 -26.44 -4.69 19.54
N GLY B 51 -26.15 -4.74 18.23
CA GLY B 51 -27.03 -5.40 17.29
C GLY B 51 -26.44 -6.62 16.60
N VAL B 52 -27.29 -7.61 16.36
CA VAL B 52 -26.96 -8.77 15.54
C VAL B 52 -28.06 -8.93 14.49
N SER B 53 -27.65 -9.21 13.24
CA SER B 53 -28.58 -9.32 12.11
C SER B 53 -28.74 -10.78 11.75
N ILE B 54 -29.98 -11.27 11.94
CA ILE B 54 -30.29 -12.70 11.85
C ILE B 54 -31.42 -12.96 10.85
N SER B 55 -31.18 -13.91 9.95
CA SER B 55 -32.18 -14.28 8.94
C SER B 55 -33.40 -14.92 9.60
N PRO B 56 -34.62 -14.60 9.10
CA PRO B 56 -35.81 -15.34 9.55
C PRO B 56 -35.67 -16.87 9.38
N LYS B 57 -34.76 -17.32 8.51
CA LYS B 57 -34.56 -18.75 8.25
C LYS B 57 -33.88 -19.53 9.37
N ARG B 58 -33.12 -18.83 10.22
CA ARG B 58 -32.46 -19.45 11.38
C ARG B 58 -33.45 -19.83 12.48
N PHE B 59 -33.19 -20.96 13.12
CA PHE B 59 -33.98 -21.43 14.26
C PHE B 59 -33.88 -20.42 15.40
N THR B 60 -32.71 -19.78 15.49
CA THR B 60 -32.42 -18.72 16.45
C THR B 60 -33.42 -17.57 16.35
N HIS B 61 -33.81 -17.21 15.13
CA HIS B 61 -34.70 -16.08 14.89
C HIS B 61 -35.98 -16.22 15.73
N GLY B 62 -36.63 -17.38 15.66
CA GLY B 62 -37.85 -17.60 16.42
C GLY B 62 -37.66 -17.54 17.92
N LEU B 63 -36.56 -18.11 18.38
CA LEU B 63 -36.27 -18.18 19.81
C LEU B 63 -35.98 -16.80 20.40
N LEU B 64 -35.25 -15.97 19.66
CA LEU B 64 -35.03 -14.58 20.06
C LEU B 64 -36.33 -13.82 20.27
N LEU B 65 -37.26 -13.97 19.35
CA LEU B 65 -38.55 -13.28 19.45
C LEU B 65 -39.36 -13.77 20.65
N LYS B 66 -39.30 -15.06 20.92
CA LYS B 66 -39.96 -15.63 22.10
C LYS B 66 -39.30 -15.15 23.40
N ALA B 67 -37.98 -15.35 23.50
CA ALA B 67 -37.23 -15.06 24.72
C ALA B 67 -37.06 -13.56 25.02
N ARG B 68 -36.86 -12.76 23.97
CA ARG B 68 -36.58 -11.31 24.10
C ARG B 68 -35.36 -11.00 24.99
N ARG B 69 -34.50 -12.01 25.14
CA ARG B 69 -33.24 -11.91 25.85
C ARG B 69 -32.29 -12.84 25.12
N PHE B 70 -31.03 -12.43 25.04
CA PHE B 70 -29.99 -13.28 24.45
C PHE B 70 -28.62 -12.89 24.99
N SER B 71 -27.64 -13.76 24.75
CA SER B 71 -26.23 -13.43 24.95
C SER B 71 -25.54 -13.13 23.61
N ALA B 72 -24.46 -12.37 23.67
CA ALA B 72 -23.53 -12.30 22.54
C ALA B 72 -22.14 -12.50 23.10
N SER B 73 -21.50 -13.58 22.66
CA SER B 73 -20.20 -13.95 23.21
C SER B 73 -19.11 -13.95 22.14
N PHE B 74 -17.89 -13.64 22.58
CA PHE B 74 -16.76 -13.42 21.67
C PHE B 74 -15.60 -14.34 22.02
N HIS B 75 -15.19 -15.13 21.03
CA HIS B 75 -14.36 -16.31 21.26
C HIS B 75 -12.96 -16.28 20.66
N PRO B 76 -11.99 -16.84 21.40
CA PRO B 76 -10.62 -16.89 20.90
C PRO B 76 -10.51 -17.76 19.65
N PHE B 77 -9.49 -17.47 18.84
CA PHE B 77 -9.19 -18.23 17.62
C PHE B 77 -9.17 -19.74 17.87
N GLY B 78 -8.72 -20.13 19.07
CA GLY B 78 -8.69 -21.54 19.47
C GLY B 78 -10.02 -22.29 19.38
N GLN B 79 -11.14 -21.56 19.38
CA GLN B 79 -12.47 -22.17 19.27
C GLN B 79 -13.11 -22.08 17.88
N LYS B 80 -12.29 -21.87 16.86
CA LYS B 80 -12.78 -21.70 15.49
C LYS B 80 -13.67 -22.87 15.01
N ASP B 81 -13.28 -24.09 15.37
CA ASP B 81 -14.00 -25.28 14.88
C ASP B 81 -15.37 -25.42 15.54
N LEU B 82 -15.43 -25.07 16.82
CA LEU B 82 -16.69 -25.01 17.55
C LEU B 82 -17.61 -23.92 16.98
N VAL B 83 -17.09 -22.70 16.87
CA VAL B 83 -17.87 -21.62 16.25
C VAL B 83 -18.36 -22.02 14.84
N HIS B 84 -17.47 -22.55 14.01
CA HIS B 84 -17.88 -22.96 12.67
C HIS B 84 -18.95 -24.05 12.69
N TRP B 85 -18.83 -24.98 13.64
CA TRP B 85 -19.82 -26.04 13.79
C TRP B 85 -21.19 -25.45 14.17
N LEU B 86 -21.21 -24.53 15.12
CA LEU B 86 -22.46 -23.87 15.49
C LEU B 86 -23.07 -23.11 14.31
N GLY B 87 -22.23 -22.68 13.39
CA GLY B 87 -22.70 -21.93 12.22
C GLY B 87 -23.02 -22.76 11.01
N SER B 88 -22.78 -24.08 11.10
CA SER B 88 -23.02 -24.99 9.96
C SER B 88 -24.23 -25.92 10.17
N HIS B 89 -24.76 -25.92 11.38
CA HIS B 89 -25.88 -26.79 11.72
C HIS B 89 -26.96 -25.99 12.39
N SER B 90 -28.20 -26.40 12.17
CA SER B 90 -29.35 -25.75 12.77
C SER B 90 -29.85 -26.53 13.98
N GLY B 91 -30.30 -25.77 14.98
CA GLY B 91 -31.03 -26.36 16.12
C GLY B 91 -32.28 -27.14 15.70
N ARG B 92 -32.76 -26.94 14.47
CA ARG B 92 -33.86 -27.76 13.94
C ARG B 92 -33.44 -29.21 13.81
N GLU B 93 -32.13 -29.46 13.76
CA GLU B 93 -31.56 -30.80 13.52
C GLU B 93 -30.56 -31.32 14.56
N VAL B 94 -30.05 -30.44 15.42
N VAL B 94 -30.01 -30.42 15.38
CA VAL B 94 -29.06 -30.85 16.42
CA VAL B 94 -29.05 -30.80 16.42
C VAL B 94 -29.16 -29.97 17.67
C VAL B 94 -29.34 -29.99 17.68
N ASP B 95 -29.14 -30.60 18.86
CA ASP B 95 -29.21 -29.86 20.11
C ASP B 95 -27.89 -29.19 20.43
N LYS B 96 -27.74 -27.96 19.94
CA LYS B 96 -26.55 -27.17 20.18
C LYS B 96 -26.46 -26.74 21.64
N GLY B 97 -27.59 -26.88 22.32
CA GLY B 97 -27.68 -26.62 23.76
C GLY B 97 -26.85 -27.58 24.59
N GLN B 98 -26.25 -28.56 23.93
N GLN B 98 -26.26 -28.57 23.93
CA GLN B 98 -25.37 -29.51 24.59
CA GLN B 98 -25.38 -29.52 24.58
C GLN B 98 -23.88 -29.14 24.46
C GLN B 98 -23.94 -29.02 24.63
N ALA B 99 -23.63 -27.99 23.85
CA ALA B 99 -22.28 -27.40 23.84
C ALA B 99 -22.05 -26.81 25.23
N PRO B 100 -20.81 -26.91 25.76
CA PRO B 100 -20.55 -26.44 27.12
C PRO B 100 -20.91 -24.97 27.28
N HIS B 101 -21.78 -24.69 28.24
CA HIS B 101 -22.24 -23.32 28.48
C HIS B 101 -22.62 -23.13 29.94
N PHE B 102 -22.84 -21.86 30.30
CA PHE B 102 -23.37 -21.50 31.60
C PHE B 102 -24.48 -20.47 31.44
N LEU B 103 -25.30 -20.33 32.47
CA LEU B 103 -26.40 -19.39 32.41
C LEU B 103 -26.05 -18.08 33.13
N GLY B 104 -26.36 -16.95 32.49
CA GLY B 104 -25.99 -15.65 33.03
C GLY B 104 -26.93 -15.14 34.11
N HIS B 105 -26.67 -13.92 34.59
CA HIS B 105 -27.46 -13.30 35.64
C HIS B 105 -28.92 -13.16 35.23
N THR B 106 -29.15 -12.99 33.93
CA THR B 106 -30.49 -12.82 33.40
C THR B 106 -31.08 -14.12 32.84
N GLY B 107 -30.34 -15.22 32.94
CA GLY B 107 -30.82 -16.53 32.48
C GLY B 107 -30.54 -16.86 31.02
N VAL B 108 -29.76 -16.00 30.36
CA VAL B 108 -29.35 -16.27 28.99
C VAL B 108 -28.15 -17.22 28.95
N PRO B 109 -28.11 -18.09 27.95
CA PRO B 109 -27.01 -19.05 27.92
C PRO B 109 -25.77 -18.44 27.26
N ILE B 110 -24.62 -18.64 27.88
CA ILE B 110 -23.35 -18.10 27.39
C ILE B 110 -22.41 -19.26 27.09
N LEU B 111 -21.99 -19.32 25.83
CA LEU B 111 -21.07 -20.35 25.37
C LEU B 111 -19.72 -20.28 26.10
N GLU B 112 -19.34 -21.37 26.74
CA GLU B 112 -18.06 -21.43 27.44
C GLU B 112 -16.85 -21.17 26.55
N GLY B 113 -15.83 -20.55 27.13
CA GLY B 113 -14.55 -20.35 26.47
C GLY B 113 -14.32 -18.95 25.95
N ALA B 114 -15.34 -18.10 26.06
CA ALA B 114 -15.28 -16.74 25.52
C ALA B 114 -14.26 -15.91 26.28
N TYR B 115 -13.65 -14.93 25.60
CA TYR B 115 -12.85 -13.93 26.33
C TYR B 115 -13.74 -12.80 26.87
N ALA B 116 -14.92 -12.64 26.27
CA ALA B 116 -15.91 -11.67 26.71
C ALA B 116 -17.31 -12.06 26.21
N ALA B 117 -18.34 -11.63 26.94
CA ALA B 117 -19.74 -11.82 26.53
C ALA B 117 -20.65 -10.73 27.07
N TYR B 118 -21.70 -10.43 26.30
CA TYR B 118 -22.76 -9.57 26.78
C TYR B 118 -24.00 -10.40 27.06
N GLU B 119 -24.72 -10.06 28.12
CA GLU B 119 -26.10 -10.45 28.27
C GLU B 119 -26.91 -9.27 27.78
N LEU B 120 -27.84 -9.56 26.89
CA LEU B 120 -28.67 -8.51 26.30
C LEU B 120 -30.16 -8.71 26.54
N GLU B 121 -30.84 -7.59 26.73
CA GLU B 121 -32.29 -7.54 26.76
C GLU B 121 -32.75 -6.99 25.42
N LEU B 122 -33.65 -7.69 24.74
CA LEU B 122 -34.05 -7.28 23.40
C LEU B 122 -34.91 -6.01 23.41
N LEU B 123 -34.48 -5.00 22.68
CA LEU B 123 -35.14 -3.69 22.70
C LEU B 123 -36.10 -3.54 21.52
N GLU B 124 -35.59 -3.75 20.31
CA GLU B 124 -36.34 -3.60 19.07
C GLU B 124 -35.84 -4.57 18.02
N VAL B 125 -36.69 -4.85 17.04
CA VAL B 125 -36.33 -5.68 15.91
C VAL B 125 -36.74 -4.96 14.63
N HIS B 126 -35.81 -4.83 13.69
CA HIS B 126 -36.10 -4.14 12.43
C HIS B 126 -35.74 -4.99 11.22
N THR B 127 -36.67 -5.07 10.28
CA THR B 127 -36.43 -5.80 9.04
C THR B 127 -35.69 -4.94 8.03
N PHE B 128 -34.52 -5.44 7.62
CA PHE B 128 -33.79 -4.82 6.51
C PHE B 128 -33.57 -5.89 5.46
N GLY B 129 -34.34 -5.81 4.37
CA GLY B 129 -34.30 -6.83 3.32
C GLY B 129 -34.49 -8.23 3.87
N ASP B 130 -33.48 -9.09 3.68
CA ASP B 130 -33.64 -10.52 4.03
C ASP B 130 -33.10 -10.95 5.40
N HIS B 131 -32.75 -9.97 6.23
CA HIS B 131 -32.31 -10.23 7.59
C HIS B 131 -32.99 -9.28 8.57
N ASP B 132 -33.16 -9.73 9.81
CA ASP B 132 -33.72 -8.88 10.85
C ASP B 132 -32.64 -8.42 11.82
N LEU B 133 -32.58 -7.12 12.09
CA LEU B 133 -31.65 -6.61 13.08
C LEU B 133 -32.26 -6.65 14.47
N PHE B 134 -31.64 -7.43 15.35
CA PHE B 134 -32.04 -7.51 16.75
C PHE B 134 -31.18 -6.55 17.55
N VAL B 135 -31.82 -5.54 18.09
CA VAL B 135 -31.14 -4.49 18.83
C VAL B 135 -31.29 -4.79 20.31
N GLY B 136 -30.17 -5.06 20.96
CA GLY B 136 -30.20 -5.42 22.37
C GLY B 136 -29.52 -4.41 23.27
N ARG B 137 -30.10 -4.22 24.44
CA ARG B 137 -29.47 -3.42 25.47
C ARG B 137 -28.59 -4.30 26.35
N VAL B 138 -27.33 -3.91 26.49
CA VAL B 138 -26.38 -4.64 27.31
C VAL B 138 -26.72 -4.47 28.80
N VAL B 139 -27.11 -5.58 29.44
CA VAL B 139 -27.47 -5.58 30.86
C VAL B 139 -26.40 -6.21 31.75
N ALA B 140 -25.59 -7.10 31.21
CA ALA B 140 -24.47 -7.63 31.98
C ALA B 140 -23.28 -7.91 31.07
N VAL B 141 -22.08 -7.88 31.66
CA VAL B 141 -20.83 -8.06 30.92
C VAL B 141 -19.97 -9.11 31.61
N TRP B 142 -19.44 -10.04 30.80
CA TRP B 142 -18.52 -11.06 31.25
C TRP B 142 -17.17 -10.89 30.62
N GLU B 143 -16.12 -11.05 31.42
CA GLU B 143 -14.75 -10.88 30.97
C GLU B 143 -13.87 -11.99 31.52
N GLU B 144 -13.07 -12.59 30.66
CA GLU B 144 -12.03 -13.52 31.09
C GLU B 144 -10.75 -12.73 31.31
N GLU B 145 -10.46 -12.40 32.57
CA GLU B 145 -9.42 -11.43 32.96
C GLU B 145 -8.06 -11.59 32.28
N GLY B 146 -7.63 -12.84 32.14
CA GLY B 146 -6.33 -13.14 31.54
C GLY B 146 -6.31 -13.04 30.04
N LEU B 147 -7.49 -12.96 29.43
CA LEU B 147 -7.62 -12.98 27.97
C LEU B 147 -7.85 -11.61 27.37
N LEU B 148 -7.94 -10.59 28.21
CA LEU B 148 -8.22 -9.23 27.74
C LEU B 148 -7.16 -8.22 28.11
N ASP B 149 -7.06 -7.15 27.30
CA ASP B 149 -6.16 -6.04 27.60
C ASP B 149 -6.80 -4.99 28.51
N GLU B 150 -6.07 -3.90 28.74
N GLU B 150 -6.07 -3.90 28.75
CA GLU B 150 -6.43 -2.89 29.74
CA GLU B 150 -6.45 -2.91 29.76
C GLU B 150 -7.63 -2.03 29.34
C GLU B 150 -7.65 -2.04 29.37
N LYS B 151 -8.34 -2.43 28.30
CA LYS B 151 -9.58 -1.77 27.89
C LYS B 151 -10.67 -2.78 27.55
N GLY B 152 -10.47 -4.04 27.97
CA GLY B 152 -11.47 -5.11 27.78
C GLY B 152 -11.45 -5.77 26.41
N ARG B 153 -10.42 -5.47 25.64
CA ARG B 153 -10.29 -5.97 24.28
C ARG B 153 -9.49 -7.27 24.28
N PRO B 154 -9.75 -8.18 23.32
CA PRO B 154 -8.94 -9.39 23.29
C PRO B 154 -7.46 -9.03 23.15
N LYS B 155 -6.59 -9.74 23.85
CA LYS B 155 -5.15 -9.56 23.69
C LYS B 155 -4.79 -9.88 22.24
N PRO B 156 -4.15 -8.93 21.52
CA PRO B 156 -3.89 -9.05 20.09
C PRO B 156 -3.47 -10.46 19.64
N GLY B 157 -4.09 -10.92 18.55
CA GLY B 157 -3.92 -12.28 18.08
C GLY B 157 -5.01 -13.21 18.59
N LEU B 158 -5.75 -12.75 19.60
CA LEU B 158 -6.72 -13.60 20.27
C LEU B 158 -8.00 -13.79 19.46
N ALA B 159 -8.52 -12.68 18.91
CA ALA B 159 -9.84 -12.68 18.28
C ALA B 159 -9.98 -13.66 17.14
N LEU B 160 -11.10 -14.38 17.11
CA LEU B 160 -11.47 -15.15 15.94
C LEU B 160 -12.06 -14.18 14.94
N LEU B 161 -11.47 -14.16 13.73
CA LEU B 161 -11.99 -13.36 12.63
C LEU B 161 -12.59 -14.26 11.54
N TYR B 162 -13.66 -13.78 10.92
CA TYR B 162 -14.32 -14.51 9.86
C TYR B 162 -14.25 -13.70 8.57
N TYR B 163 -13.81 -14.36 7.49
CA TYR B 163 -13.69 -13.75 6.15
C TYR B 163 -14.89 -14.01 5.24
N GLY B 164 -15.77 -14.91 5.65
CA GLY B 164 -16.92 -15.30 4.83
C GLY B 164 -16.70 -16.66 4.21
N LYS B 165 -17.80 -17.33 3.90
CA LYS B 165 -17.81 -18.66 3.26
C LYS B 165 -16.83 -19.65 3.89
N GLY B 166 -16.88 -19.76 5.21
CA GLY B 166 -16.18 -20.79 5.96
C GLY B 166 -14.68 -20.59 6.12
N LEU B 167 -14.20 -19.37 5.88
CA LEU B 167 -12.77 -19.04 6.02
C LEU B 167 -12.56 -18.14 7.24
N TYR B 168 -11.62 -18.53 8.10
CA TYR B 168 -11.36 -17.83 9.37
C TYR B 168 -9.91 -17.38 9.48
N GLY B 169 -9.67 -16.43 10.37
CA GLY B 169 -8.34 -15.95 10.60
C GLY B 169 -8.19 -15.38 11.99
N ARG B 170 -7.20 -14.53 12.16
CA ARG B 170 -6.97 -13.90 13.45
C ARG B 170 -6.18 -12.63 13.24
N PRO B 171 -6.26 -11.68 14.20
CA PRO B 171 -5.47 -10.48 14.02
C PRO B 171 -3.98 -10.79 14.18
N ALA B 172 -3.13 -10.08 13.45
CA ALA B 172 -1.70 -10.14 13.71
C ALA B 172 -1.47 -9.61 15.13
N GLU B 173 -0.42 -10.09 15.80
CA GLU B 173 -0.16 -9.62 17.17
C GLU B 173 0.29 -8.16 17.21
N GLU B 174 0.92 -7.69 16.13
CA GLU B 174 1.45 -6.34 16.05
C GLU B 174 0.33 -5.29 15.95
N THR B 175 0.29 -4.37 16.92
CA THR B 175 -0.65 -3.25 16.87
C THR B 175 0.08 -1.92 16.73
N PHE B 176 -0.62 -0.91 16.23
CA PHE B 176 0.00 0.40 15.98
C PHE B 176 -0.87 1.58 16.40
N ALA B 177 -0.24 2.57 17.03
CA ALA B 177 -0.95 3.73 17.55
C ALA B 177 -0.28 5.04 17.09
N PRO B 178 -1.03 5.89 16.35
CA PRO B 178 -0.48 7.17 15.92
C PRO B 178 -0.78 8.32 16.89
N MET C 1 8.29 -1.62 11.16
CA MET C 1 9.09 -1.91 9.93
C MET C 1 9.76 -3.27 9.98
N ARG C 2 9.37 -4.15 9.03
CA ARG C 2 9.93 -5.48 8.86
C ARG C 2 11.39 -5.44 8.41
N SER C 3 12.19 -6.42 8.86
CA SER C 3 13.55 -6.59 8.37
C SER C 3 13.95 -8.06 8.26
N TYR C 4 14.94 -8.32 7.41
CA TYR C 4 15.54 -9.64 7.31
C TYR C 4 16.96 -9.52 6.79
N ARG C 5 17.81 -10.47 7.17
CA ARG C 5 19.14 -10.52 6.61
C ARG C 5 19.05 -11.19 5.26
N ALA C 6 19.83 -10.69 4.30
CA ALA C 6 19.91 -11.32 2.98
C ALA C 6 20.61 -12.68 3.04
N GLN C 7 20.09 -13.65 2.30
CA GLN C 7 20.68 -14.99 2.28
C GLN C 7 20.94 -15.48 0.86
N GLY C 8 20.88 -14.53 -0.08
CA GLY C 8 20.99 -14.80 -1.50
C GLY C 8 20.20 -13.69 -2.19
N PRO C 9 19.78 -13.91 -3.45
CA PRO C 9 18.92 -12.95 -4.16
C PRO C 9 17.63 -12.67 -3.37
N LEU C 10 17.18 -11.42 -3.40
CA LEU C 10 15.99 -11.01 -2.66
C LEU C 10 14.71 -11.50 -3.33
N PRO C 11 13.64 -11.72 -2.54
CA PRO C 11 12.36 -12.19 -3.08
C PRO C 11 11.79 -11.24 -4.13
N GLY C 12 12.13 -9.97 -4.02
CA GLY C 12 11.96 -9.02 -5.10
C GLY C 12 13.05 -7.98 -4.90
N PHE C 13 13.66 -7.52 -5.99
CA PHE C 13 14.74 -6.57 -5.85
C PHE C 13 14.26 -5.27 -6.47
N TYR C 14 13.18 -4.75 -5.91
CA TYR C 14 12.45 -3.64 -6.53
C TYR C 14 12.31 -2.39 -5.67
N HIS C 15 13.02 -2.36 -4.54
CA HIS C 15 12.78 -1.35 -3.51
C HIS C 15 13.07 0.08 -3.99
N TYR C 16 13.98 0.17 -4.94
CA TYR C 16 14.49 1.43 -5.49
C TYR C 16 13.79 1.85 -6.79
N TYR C 17 12.75 1.10 -7.19
CA TYR C 17 11.96 1.39 -8.39
C TYR C 17 10.89 2.44 -8.04
N PRO C 18 10.29 3.12 -9.04
CA PRO C 18 10.47 2.89 -10.47
C PRO C 18 11.70 3.60 -11.04
N GLY C 19 12.13 3.18 -12.23
CA GLY C 19 13.17 3.89 -12.94
C GLY C 19 12.81 4.08 -14.41
N VAL C 20 13.48 5.03 -15.04
CA VAL C 20 13.37 5.25 -16.47
C VAL C 20 14.16 4.14 -17.17
N PRO C 21 13.49 3.37 -18.05
CA PRO C 21 14.28 2.41 -18.82
C PRO C 21 15.06 3.11 -19.93
N ALA C 22 16.36 2.91 -19.97
CA ALA C 22 17.17 3.39 -21.09
C ALA C 22 17.09 2.31 -22.16
N VAL C 23 16.81 2.71 -23.40
CA VAL C 23 16.83 1.77 -24.49
C VAL C 23 18.25 1.76 -25.06
N VAL C 24 18.88 0.60 -24.96
CA VAL C 24 20.27 0.45 -25.41
C VAL C 24 20.20 0.01 -26.86
N GLY C 25 20.70 0.85 -27.75
CA GLY C 25 20.79 0.52 -29.18
C GLY C 25 22.21 0.19 -29.56
N VAL C 26 22.40 -0.92 -30.30
CA VAL C 26 23.73 -1.35 -30.71
C VAL C 26 23.69 -1.91 -32.15
N ARG C 27 24.75 -1.64 -32.91
CA ARG C 27 24.85 -2.12 -34.29
C ARG C 27 26.19 -2.81 -34.47
N VAL C 28 26.16 -3.98 -35.10
CA VAL C 28 27.37 -4.66 -35.54
C VAL C 28 27.11 -4.98 -37.02
N GLU C 29 27.80 -4.27 -37.90
CA GLU C 29 27.55 -4.37 -39.35
C GLU C 29 26.07 -4.08 -39.69
N GLU C 30 25.38 -4.99 -40.39
CA GLU C 30 23.98 -4.73 -40.76
C GLU C 30 23.04 -4.89 -39.57
N ARG C 31 23.44 -5.72 -38.61
CA ARG C 31 22.56 -6.13 -37.50
C ARG C 31 22.38 -5.05 -36.43
N VAL C 32 21.13 -4.63 -36.23
CA VAL C 32 20.80 -3.68 -35.17
C VAL C 32 20.00 -4.41 -34.09
N ASN C 33 20.31 -4.12 -32.83
CA ASN C 33 19.49 -4.63 -31.73
C ASN C 33 19.13 -3.54 -30.75
N PHE C 34 18.02 -3.74 -30.03
CA PHE C 34 17.63 -2.85 -28.93
C PHE C 34 17.23 -3.65 -27.73
N CYS C 35 17.54 -3.10 -26.55
N CYS C 35 17.57 -3.18 -26.54
CA CYS C 35 17.32 -3.74 -25.23
CA CYS C 35 17.02 -3.79 -25.34
C CYS C 35 17.03 -2.66 -24.18
C CYS C 35 16.98 -2.76 -24.23
N PRO C 36 15.86 -2.72 -23.50
CA PRO C 36 15.70 -1.76 -22.42
C PRO C 36 16.61 -2.12 -21.25
N ALA C 37 17.06 -1.10 -20.55
CA ALA C 37 17.89 -1.30 -19.37
C ALA C 37 17.48 -0.33 -18.27
N VAL C 38 16.71 -0.82 -17.28
CA VAL C 38 16.32 0.00 -16.14
C VAL C 38 17.49 0.20 -15.15
N TRP C 39 18.47 -0.72 -15.21
CA TRP C 39 19.67 -0.56 -14.39
C TRP C 39 20.59 0.36 -15.15
N ASN C 40 20.37 1.65 -14.95
CA ASN C 40 21.14 2.66 -15.63
C ASN C 40 21.32 3.85 -14.69
N THR C 41 22.43 4.57 -14.85
CA THR C 41 22.65 5.76 -14.04
C THR C 41 23.68 6.66 -14.69
N GLY C 42 23.55 7.96 -14.44
CA GLY C 42 24.67 8.87 -14.67
C GLY C 42 25.86 8.41 -13.84
N LEU C 43 27.08 8.67 -14.30
CA LEU C 43 28.28 8.29 -13.53
C LEU C 43 29.26 9.45 -13.35
N SER C 44 29.21 10.43 -14.24
CA SER C 44 30.13 11.58 -14.20
C SER C 44 29.54 12.71 -15.01
N ALA C 45 29.67 13.94 -14.51
CA ALA C 45 29.24 15.11 -15.28
C ALA C 45 30.31 15.59 -16.25
N ASP C 46 31.53 15.71 -15.75
CA ASP C 46 32.67 16.22 -16.51
C ASP C 46 33.83 15.25 -16.38
N PRO C 47 34.01 14.35 -17.36
CA PRO C 47 33.27 14.19 -18.60
C PRO C 47 31.90 13.55 -18.42
N PRO C 48 30.98 13.74 -19.39
CA PRO C 48 29.64 13.15 -19.22
C PRO C 48 29.70 11.63 -19.42
N LEU C 49 29.50 10.86 -18.35
CA LEU C 49 29.53 9.41 -18.43
C LEU C 49 28.22 8.79 -17.95
N PHE C 50 27.75 7.79 -18.69
CA PHE C 50 26.48 7.13 -18.41
C PHE C 50 26.68 5.63 -18.46
N GLY C 51 26.08 4.92 -17.52
CA GLY C 51 26.27 3.48 -17.46
C GLY C 51 24.99 2.69 -17.55
N VAL C 52 25.11 1.50 -18.14
CA VAL C 52 24.02 0.55 -18.22
C VAL C 52 24.54 -0.82 -17.81
N SER C 53 23.78 -1.49 -16.95
CA SER C 53 24.15 -2.80 -16.45
C SER C 53 23.39 -3.87 -17.25
N ILE C 54 24.16 -4.70 -17.95
CA ILE C 54 23.60 -5.64 -18.92
C ILE C 54 24.06 -7.07 -18.58
N SER C 55 23.10 -7.98 -18.44
CA SER C 55 23.43 -9.38 -18.18
C SER C 55 24.18 -9.99 -19.37
N PRO C 56 25.21 -10.80 -19.09
CA PRO C 56 25.86 -11.60 -20.14
C PRO C 56 24.93 -12.58 -20.85
N LYS C 57 23.71 -12.77 -20.31
CA LYS C 57 22.68 -13.57 -20.96
C LYS C 57 22.02 -12.86 -22.15
N ARG C 58 22.13 -11.52 -22.20
CA ARG C 58 21.48 -10.76 -23.29
C ARG C 58 22.27 -10.83 -24.57
N PHE C 59 21.57 -10.94 -25.70
CA PHE C 59 22.21 -10.85 -27.00
C PHE C 59 22.98 -9.52 -27.11
N THR C 60 22.43 -8.50 -26.46
CA THR C 60 23.02 -7.16 -26.50
C THR C 60 24.44 -7.10 -25.92
N HIS C 61 24.71 -7.95 -24.92
CA HIS C 61 26.00 -7.96 -24.22
C HIS C 61 27.18 -8.20 -25.18
N GLY C 62 27.10 -9.27 -25.98
CA GLY C 62 28.12 -9.55 -26.99
C GLY C 62 28.25 -8.44 -28.03
N LEU C 63 27.12 -7.88 -28.44
CA LEU C 63 27.14 -6.83 -29.46
C LEU C 63 27.85 -5.57 -28.97
N LEU C 64 27.63 -5.19 -27.71
CA LEU C 64 28.31 -4.05 -27.11
C LEU C 64 29.84 -4.26 -27.06
N LEU C 65 30.26 -5.48 -26.69
CA LEU C 65 31.67 -5.83 -26.59
C LEU C 65 32.37 -5.75 -27.95
N LYS C 66 31.61 -6.05 -29.00
CA LYS C 66 32.13 -5.97 -30.37
C LYS C 66 32.08 -4.56 -30.95
N ALA C 67 30.99 -3.84 -30.70
CA ALA C 67 30.81 -2.51 -31.28
C ALA C 67 31.63 -1.44 -30.56
N ARG C 68 31.75 -1.55 -29.25
CA ARG C 68 32.35 -0.51 -28.39
C ARG C 68 31.69 0.87 -28.54
N ARG C 69 30.47 0.89 -29.06
CA ARG C 69 29.68 2.11 -29.25
C ARG C 69 28.21 1.75 -29.16
N PHE C 70 27.42 2.61 -28.54
CA PHE C 70 26.00 2.32 -28.36
C PHE C 70 25.16 3.57 -28.12
N SER C 71 23.86 3.44 -28.32
CA SER C 71 22.96 4.51 -27.92
C SER C 71 22.22 4.17 -26.63
N ALA C 72 21.81 5.21 -25.91
CA ALA C 72 20.83 5.10 -24.84
C ALA C 72 19.76 6.14 -25.14
N SER C 73 18.54 5.69 -25.40
CA SER C 73 17.44 6.57 -25.74
C SER C 73 16.34 6.49 -24.68
N PHE C 74 15.62 7.61 -24.52
CA PHE C 74 14.65 7.77 -23.46
C PHE C 74 13.30 8.12 -24.08
N HIS C 75 12.32 7.27 -23.80
CA HIS C 75 11.06 7.25 -24.53
C HIS C 75 9.83 7.65 -23.73
N PRO C 76 8.89 8.36 -24.38
CA PRO C 76 7.66 8.75 -23.71
C PRO C 76 6.80 7.55 -23.36
N PHE C 77 5.93 7.76 -22.37
CA PHE C 77 4.94 6.77 -21.93
C PHE C 77 4.21 6.06 -23.07
N GLY C 78 3.89 6.80 -24.14
CA GLY C 78 3.14 6.25 -25.27
C GLY C 78 3.85 5.11 -25.98
N GLN C 79 5.12 4.91 -25.67
CA GLN C 79 5.90 3.82 -26.26
C GLN C 79 6.13 2.65 -25.31
N LYS C 80 5.33 2.61 -24.23
CA LYS C 80 5.33 1.52 -23.27
C LYS C 80 5.28 0.13 -23.93
N ASP C 81 4.40 -0.03 -24.92
CA ASP C 81 4.21 -1.35 -25.55
C ASP C 81 5.45 -1.81 -26.33
N LEU C 82 6.03 -0.88 -27.08
CA LEU C 82 7.24 -1.13 -27.86
C LEU C 82 8.45 -1.42 -26.96
N VAL C 83 8.60 -0.62 -25.90
CA VAL C 83 9.71 -0.81 -24.97
C VAL C 83 9.60 -2.16 -24.27
N HIS C 84 8.40 -2.50 -23.82
CA HIS C 84 8.16 -3.79 -23.20
C HIS C 84 8.41 -4.93 -24.20
N TRP C 85 8.04 -4.71 -25.47
CA TRP C 85 8.25 -5.74 -26.48
C TRP C 85 9.73 -5.94 -26.74
N LEU C 86 10.50 -4.86 -26.76
CA LEU C 86 11.95 -4.96 -26.93
C LEU C 86 12.60 -5.68 -25.75
N GLY C 87 11.98 -5.56 -24.57
CA GLY C 87 12.50 -6.19 -23.37
C GLY C 87 11.92 -7.56 -23.03
N SER C 88 11.09 -8.09 -23.91
CA SER C 88 10.48 -9.43 -23.73
C SER C 88 10.88 -10.45 -24.80
N HIS C 89 11.69 -10.03 -25.77
CA HIS C 89 12.19 -10.90 -26.83
C HIS C 89 13.66 -10.60 -27.03
N SER C 90 14.40 -11.62 -27.43
CA SER C 90 15.84 -11.50 -27.66
C SER C 90 16.16 -11.44 -29.15
N GLY C 91 17.22 -10.69 -29.48
CA GLY C 91 17.78 -10.66 -30.84
C GLY C 91 18.29 -12.02 -31.33
N ARG C 92 18.36 -12.99 -30.42
CA ARG C 92 18.60 -14.39 -30.79
C ARG C 92 17.41 -15.01 -31.53
N GLU C 93 16.22 -14.44 -31.35
N GLU C 93 16.22 -14.45 -31.33
CA GLU C 93 15.02 -15.02 -31.95
CA GLU C 93 14.97 -14.99 -31.89
C GLU C 93 14.21 -14.03 -32.80
C GLU C 93 14.27 -14.05 -32.85
N VAL C 94 14.62 -12.77 -32.83
CA VAL C 94 13.86 -11.76 -33.59
C VAL C 94 14.72 -10.57 -34.00
N ASP C 95 14.60 -10.13 -35.24
CA ASP C 95 15.34 -8.96 -35.69
C ASP C 95 14.67 -7.70 -35.16
N LYS C 96 15.15 -7.22 -34.00
CA LYS C 96 14.59 -6.01 -33.41
C LYS C 96 15.09 -4.76 -34.12
N GLY C 97 16.01 -4.96 -35.08
CA GLY C 97 16.44 -3.91 -36.01
C GLY C 97 15.33 -3.42 -36.93
N GLN C 98 14.30 -4.26 -37.11
CA GLN C 98 13.13 -3.82 -37.85
C GLN C 98 12.31 -2.76 -37.13
N ALA C 99 12.59 -2.57 -35.83
CA ALA C 99 11.99 -1.47 -35.10
C ALA C 99 12.47 -0.17 -35.74
N PRO C 100 11.55 0.81 -35.92
CA PRO C 100 11.92 2.10 -36.51
C PRO C 100 13.05 2.77 -35.73
N HIS C 101 14.13 3.07 -36.44
CA HIS C 101 15.32 3.68 -35.84
C HIS C 101 16.07 4.50 -36.87
N PHE C 102 17.13 5.18 -36.44
CA PHE C 102 18.03 5.87 -37.35
C PHE C 102 19.45 5.76 -36.84
N LEU C 103 20.40 6.07 -37.71
CA LEU C 103 21.78 6.06 -37.31
C LEU C 103 22.21 7.43 -36.87
N GLY C 104 22.89 7.50 -35.72
CA GLY C 104 23.42 8.78 -35.21
C GLY C 104 24.68 9.20 -35.92
N HIS C 105 25.33 10.23 -35.37
CA HIS C 105 26.59 10.73 -35.93
C HIS C 105 27.72 9.70 -35.93
N THR C 106 27.79 8.90 -34.88
CA THR C 106 28.83 7.89 -34.72
C THR C 106 28.37 6.56 -35.32
N GLY C 107 27.18 6.53 -35.90
CA GLY C 107 26.65 5.35 -36.59
C GLY C 107 25.92 4.38 -35.69
N VAL C 108 25.75 4.75 -34.43
CA VAL C 108 25.00 3.92 -33.48
C VAL C 108 23.51 4.01 -33.80
N PRO C 109 22.77 2.90 -33.63
CA PRO C 109 21.33 2.96 -33.91
C PRO C 109 20.56 3.58 -32.76
N ILE C 110 19.62 4.45 -33.11
CA ILE C 110 18.80 5.15 -32.12
C ILE C 110 17.35 4.88 -32.44
N LEU C 111 16.64 4.29 -31.47
CA LEU C 111 15.21 3.98 -31.60
C LEU C 111 14.36 5.24 -31.75
N GLU C 112 13.43 5.24 -32.72
N GLU C 112 13.41 5.20 -32.69
CA GLU C 112 12.64 6.44 -33.01
CA GLU C 112 12.55 6.34 -33.04
C GLU C 112 11.49 6.65 -32.02
C GLU C 112 11.50 6.63 -31.95
N GLY C 113 11.19 7.91 -31.75
CA GLY C 113 10.14 8.28 -30.81
C GLY C 113 10.67 8.81 -29.48
N ALA C 114 11.99 8.76 -29.30
CA ALA C 114 12.61 9.22 -28.06
C ALA C 114 12.57 10.73 -27.93
N TYR C 115 12.37 11.23 -26.71
CA TYR C 115 12.53 12.66 -26.46
C TYR C 115 14.01 13.05 -26.31
N ALA C 116 14.85 12.06 -25.99
CA ALA C 116 16.30 12.28 -25.87
C ALA C 116 17.08 10.99 -26.04
N ALA C 117 18.33 11.12 -26.47
CA ALA C 117 19.21 9.98 -26.67
C ALA C 117 20.66 10.43 -26.55
N TYR C 118 21.49 9.51 -26.07
CA TYR C 118 22.93 9.68 -26.09
C TYR C 118 23.56 8.70 -27.06
N GLU C 119 24.52 9.19 -27.84
CA GLU C 119 25.49 8.33 -28.49
C GLU C 119 26.69 8.19 -27.57
N LEU C 120 27.11 6.95 -27.36
CA LEU C 120 28.16 6.66 -26.39
C LEU C 120 29.28 5.85 -26.99
N GLU C 121 30.50 6.19 -26.59
CA GLU C 121 31.67 5.34 -26.81
C GLU C 121 31.90 4.55 -25.54
N LEU C 122 32.06 3.25 -25.67
CA LEU C 122 32.31 2.41 -24.50
C LEU C 122 33.71 2.68 -23.93
N LEU C 123 33.78 3.07 -22.67
CA LEU C 123 35.08 3.33 -22.03
C LEU C 123 35.61 2.13 -21.25
N GLU C 124 34.76 1.57 -20.40
CA GLU C 124 35.14 0.48 -19.52
C GLU C 124 33.96 -0.46 -19.34
N VAL C 125 34.26 -1.71 -19.00
CA VAL C 125 33.25 -2.68 -18.63
C VAL C 125 33.68 -3.35 -17.33
N HIS C 126 32.76 -3.42 -16.37
CA HIS C 126 33.07 -4.02 -15.06
C HIS C 126 32.02 -5.02 -14.64
N THR C 127 32.48 -6.18 -14.18
CA THR C 127 31.58 -7.23 -13.71
C THR C 127 31.22 -7.02 -12.25
N PHE C 128 29.92 -6.87 -11.96
CA PHE C 128 29.44 -6.89 -10.58
C PHE C 128 28.40 -7.99 -10.44
N GLY C 129 28.79 -9.09 -9.80
CA GLY C 129 27.90 -10.25 -9.70
C GLY C 129 27.39 -10.67 -11.07
N ASP C 130 26.06 -10.76 -11.22
CA ASP C 130 25.46 -11.37 -12.44
C ASP C 130 25.17 -10.41 -13.60
N HIS C 131 25.62 -9.16 -13.48
CA HIS C 131 25.56 -8.23 -14.60
C HIS C 131 26.89 -7.49 -14.78
N ASP C 132 27.15 -7.03 -16.00
CA ASP C 132 28.30 -6.20 -16.29
C ASP C 132 27.86 -4.77 -16.50
N LEU C 133 28.60 -3.85 -15.89
CA LEU C 133 28.33 -2.44 -16.08
C LEU C 133 29.11 -1.94 -17.29
N PHE C 134 28.39 -1.39 -18.24
CA PHE C 134 28.98 -0.77 -19.42
C PHE C 134 29.03 0.74 -19.23
N VAL C 135 30.23 1.28 -19.11
CA VAL C 135 30.42 2.71 -18.90
C VAL C 135 30.73 3.42 -20.21
N GLY C 136 29.80 4.25 -20.65
CA GLY C 136 29.93 4.96 -21.91
C GLY C 136 30.19 6.43 -21.69
N ARG C 137 30.98 7.04 -22.57
CA ARG C 137 31.13 8.49 -22.57
C ARG C 137 30.18 9.06 -23.61
N VAL C 138 29.41 10.06 -23.21
CA VAL C 138 28.42 10.70 -24.07
C VAL C 138 29.18 11.56 -25.08
N VAL C 139 29.14 11.14 -26.35
CA VAL C 139 29.88 11.87 -27.40
C VAL C 139 28.95 12.68 -28.30
N ALA C 140 27.65 12.36 -28.26
CA ALA C 140 26.65 13.17 -28.94
C ALA C 140 25.29 13.05 -28.27
N VAL C 141 24.47 14.09 -28.45
CA VAL C 141 23.19 14.22 -27.78
C VAL C 141 22.09 14.55 -28.79
N TRP C 142 20.97 13.83 -28.67
CA TRP C 142 19.76 14.09 -29.42
C TRP C 142 18.68 14.53 -28.44
N GLU C 143 17.95 15.59 -28.79
CA GLU C 143 16.95 16.14 -27.90
C GLU C 143 15.72 16.56 -28.70
N GLU C 144 14.55 16.14 -28.25
CA GLU C 144 13.35 16.67 -28.86
C GLU C 144 13.02 18.04 -28.29
N GLU C 145 13.23 19.00 -29.20
N GLU C 145 13.39 19.11 -28.99
CA GLU C 145 12.68 20.35 -29.20
CA GLU C 145 13.57 20.46 -28.34
C GLU C 145 11.31 20.45 -28.60
C GLU C 145 12.65 20.90 -27.16
N GLY C 146 11.35 20.65 -27.30
CA GLY C 146 10.27 21.19 -26.49
C GLY C 146 9.59 20.16 -25.61
N LEU C 147 10.10 18.94 -25.63
CA LEU C 147 9.67 17.92 -24.68
C LEU C 147 10.55 17.96 -23.45
N LEU C 148 11.57 18.82 -23.51
CA LEU C 148 12.45 19.12 -22.40
C LEU C 148 12.22 20.56 -21.94
N ASP C 149 12.26 20.77 -20.63
N ASP C 149 12.18 20.76 -20.63
CA ASP C 149 12.04 22.08 -20.03
CA ASP C 149 12.10 22.10 -20.07
C ASP C 149 13.25 23.02 -20.16
C ASP C 149 13.46 22.77 -20.23
N GLU C 150 13.21 24.13 -19.44
N GLU C 150 13.44 24.08 -20.40
CA GLU C 150 14.21 25.17 -19.59
CA GLU C 150 14.67 24.85 -20.58
C GLU C 150 15.64 24.73 -19.26
C GLU C 150 15.89 24.03 -20.16
N LYS C 151 15.78 23.85 -18.27
N LYS C 151 15.78 23.34 -19.04
CA LYS C 151 17.09 23.43 -17.81
CA LYS C 151 16.94 22.68 -18.42
C LYS C 151 17.48 22.06 -18.36
C LYS C 151 17.29 21.32 -19.03
N GLY C 152 16.71 21.59 -19.34
N GLY C 152 16.44 20.83 -19.92
CA GLY C 152 17.03 20.33 -20.01
CA GLY C 152 16.74 19.59 -20.63
C GLY C 152 16.40 19.12 -19.34
C GLY C 152 16.18 18.34 -20.00
N ARG C 153 15.39 19.36 -18.52
N ARG C 153 15.41 18.49 -18.93
CA ARG C 153 14.71 18.30 -17.79
CA ARG C 153 14.78 17.32 -18.32
C ARG C 153 13.43 17.87 -18.50
C ARG C 153 13.44 17.08 -18.96
N PRO C 154 13.29 16.57 -18.78
N PRO C 154 13.07 15.80 -19.11
CA PRO C 154 12.09 16.02 -19.43
CA PRO C 154 11.76 15.52 -19.67
C PRO C 154 10.83 16.51 -18.71
C PRO C 154 10.68 16.15 -18.81
N LYS C 155 9.80 16.88 -19.47
CA LYS C 155 8.62 17.49 -18.86
C LYS C 155 7.75 16.53 -18.06
N PRO C 156 7.33 16.94 -16.84
N PRO C 156 7.15 17.01 -16.95
CA PRO C 156 6.56 16.09 -15.92
CA PRO C 156 6.19 16.31 -16.08
C PRO C 156 5.44 15.33 -16.63
C PRO C 156 5.28 15.33 -16.83
N GLY C 157 5.33 14.04 -16.33
N GLY C 157 5.24 14.10 -16.36
CA GLY C 157 4.29 13.22 -16.93
CA GLY C 157 4.32 13.10 -16.89
C GLY C 157 4.69 12.48 -18.20
C GLY C 157 4.71 12.44 -18.20
N LEU C 158 5.78 12.92 -18.83
CA LEU C 158 6.22 12.40 -20.13
C LEU C 158 6.95 11.05 -20.05
N ALA C 159 7.80 10.90 -19.05
CA ALA C 159 8.76 9.78 -19.03
C ALA C 159 8.08 8.44 -18.79
N LEU C 160 8.56 7.41 -19.49
CA LEU C 160 8.13 6.05 -19.19
C LEU C 160 8.86 5.61 -17.92
N LEU C 161 8.09 5.14 -16.94
CA LEU C 161 8.64 4.55 -15.70
C LEU C 161 8.40 3.05 -15.61
N TYR C 162 9.43 2.32 -15.20
CA TYR C 162 9.31 0.86 -15.06
C TYR C 162 9.33 0.51 -13.59
N TYR C 163 8.37 -0.32 -13.18
CA TYR C 163 8.24 -0.72 -11.77
C TYR C 163 8.80 -2.11 -11.50
N GLY C 164 9.24 -2.80 -12.55
CA GLY C 164 9.73 -4.17 -12.41
C GLY C 164 8.64 -5.17 -12.70
N LYS C 165 9.04 -6.34 -13.19
CA LYS C 165 8.12 -7.43 -13.56
C LYS C 165 6.95 -6.99 -14.45
N GLY C 166 7.28 -6.29 -15.53
CA GLY C 166 6.31 -5.89 -16.54
C GLY C 166 5.26 -4.89 -16.12
N LEU C 167 5.53 -4.13 -15.05
CA LEU C 167 4.60 -3.07 -14.60
C LEU C 167 5.18 -1.70 -14.91
N TYR C 168 4.41 -0.89 -15.64
CA TYR C 168 4.84 0.45 -16.09
C TYR C 168 3.99 1.60 -15.58
N GLY C 169 4.61 2.78 -15.56
CA GLY C 169 3.94 3.99 -15.14
C GLY C 169 4.54 5.23 -15.77
N ARG C 170 4.23 6.38 -15.17
CA ARG C 170 4.64 7.67 -15.70
C ARG C 170 4.68 8.63 -14.52
N PRO C 171 5.46 9.72 -14.62
CA PRO C 171 5.45 10.66 -13.51
C PRO C 171 4.12 11.38 -13.41
N ALA C 172 3.79 11.88 -12.22
CA ALA C 172 2.64 12.77 -12.09
C ALA C 172 3.00 14.13 -12.69
N GLU C 173 2.00 14.95 -12.96
CA GLU C 173 2.27 16.27 -13.52
C GLU C 173 2.63 17.28 -12.46
N GLU C 174 2.17 17.04 -11.23
CA GLU C 174 2.51 17.92 -10.11
C GLU C 174 3.98 17.81 -9.73
N THR C 175 4.66 18.94 -9.62
CA THR C 175 6.05 18.94 -9.15
C THR C 175 6.23 19.79 -7.89
N PHE C 176 7.35 19.58 -7.20
CA PHE C 176 7.71 20.37 -6.03
C PHE C 176 9.13 20.91 -6.17
N ALA C 177 9.30 22.19 -5.90
CA ALA C 177 10.62 22.81 -5.80
C ALA C 177 10.78 23.45 -4.42
N PRO C 178 11.18 22.66 -3.40
CA PRO C 178 11.15 23.04 -1.97
C PRO C 178 12.00 24.26 -1.62
N MET D 1 14.24 16.52 -34.78
CA MET D 1 14.97 16.29 -33.49
C MET D 1 16.36 16.93 -33.52
N ARG D 2 16.59 17.86 -32.59
CA ARG D 2 17.88 18.51 -32.40
C ARG D 2 19.01 17.54 -32.05
N SER D 3 20.24 17.85 -32.48
CA SER D 3 21.43 17.10 -32.04
C SER D 3 22.69 17.96 -31.94
N TYR D 4 23.63 17.51 -31.12
CA TYR D 4 24.94 18.15 -31.04
C TYR D 4 25.99 17.17 -30.56
N ARG D 5 27.23 17.51 -30.87
CA ARG D 5 28.38 16.76 -30.42
C ARG D 5 28.73 17.27 -29.02
N ALA D 6 29.12 16.34 -28.15
CA ALA D 6 29.56 16.73 -26.81
C ALA D 6 30.95 17.37 -26.87
N GLN D 7 31.09 18.47 -26.14
N GLN D 7 31.13 18.45 -26.12
CA GLN D 7 32.31 19.28 -26.15
CA GLN D 7 32.39 19.20 -26.14
C GLN D 7 32.79 19.55 -24.71
C GLN D 7 32.95 19.37 -24.73
N GLY D 8 32.27 18.76 -23.77
CA GLY D 8 32.63 18.88 -22.36
C GLY D 8 31.39 18.48 -21.58
N PRO D 9 31.24 18.99 -20.34
CA PRO D 9 30.00 18.73 -19.62
C PRO D 9 28.81 19.26 -20.42
N LEU D 10 27.69 18.54 -20.36
CA LEU D 10 26.49 18.93 -21.09
C LEU D 10 25.79 20.13 -20.47
N PRO D 11 25.10 20.95 -21.28
CA PRO D 11 24.30 22.09 -20.77
C PRO D 11 23.36 21.66 -19.65
N GLY D 12 22.63 20.58 -19.86
CA GLY D 12 21.93 19.89 -18.78
C GLY D 12 22.23 18.41 -18.97
N PHE D 13 22.38 17.68 -17.88
CA PHE D 13 22.65 16.25 -17.96
C PHE D 13 21.50 15.52 -17.27
N TYR D 14 20.28 15.81 -17.74
CA TYR D 14 19.07 15.35 -17.08
C TYR D 14 18.18 14.48 -17.96
N HIS D 15 18.68 14.08 -19.12
CA HIS D 15 17.87 13.37 -20.12
C HIS D 15 17.22 12.09 -19.62
N TYR D 16 17.89 11.42 -18.68
CA TYR D 16 17.45 10.14 -18.11
C TYR D 16 16.68 10.26 -16.78
N TYR D 17 16.35 11.49 -16.35
CA TYR D 17 15.55 11.71 -15.14
C TYR D 17 14.04 11.62 -15.45
N PRO D 18 13.17 11.49 -14.42
CA PRO D 18 13.43 11.49 -12.99
C PRO D 18 13.98 10.16 -12.51
N GLY D 19 14.62 10.21 -11.35
CA GLY D 19 15.03 9.00 -10.66
C GLY D 19 14.64 9.06 -9.19
N VAL D 20 14.57 7.88 -8.60
CA VAL D 20 14.46 7.73 -7.16
C VAL D 20 15.81 8.11 -6.52
N PRO D 21 15.81 9.12 -5.63
CA PRO D 21 17.01 9.38 -4.83
C PRO D 21 17.16 8.33 -3.75
N ALA D 22 18.34 7.74 -3.66
CA ALA D 22 18.63 6.82 -2.57
C ALA D 22 19.25 7.69 -1.50
N VAL D 23 18.73 7.62 -0.27
CA VAL D 23 19.40 8.31 0.82
C VAL D 23 20.52 7.42 1.37
N VAL D 24 21.75 7.94 1.30
CA VAL D 24 22.93 7.19 1.70
C VAL D 24 23.28 7.56 3.13
N GLY D 25 23.11 6.61 4.03
CA GLY D 25 23.50 6.80 5.44
C GLY D 25 24.83 6.15 5.75
N VAL D 26 25.65 6.85 6.53
CA VAL D 26 26.94 6.30 6.92
C VAL D 26 27.28 6.74 8.35
N ARG D 27 28.01 5.88 9.06
CA ARG D 27 28.43 6.18 10.43
C ARG D 27 29.91 5.87 10.61
N VAL D 28 30.65 6.82 11.18
CA VAL D 28 32.02 6.58 11.57
C VAL D 28 32.09 6.94 13.05
N GLU D 29 32.34 5.94 13.89
CA GLU D 29 32.32 6.09 15.34
C GLU D 29 30.94 6.60 15.77
N GLU D 30 30.86 7.84 16.27
CA GLU D 30 29.60 8.38 16.75
C GLU D 30 28.95 9.33 15.73
N ARG D 31 29.67 9.59 14.63
CA ARG D 31 29.23 10.57 13.64
C ARG D 31 28.45 9.91 12.51
N VAL D 32 27.24 10.44 12.28
CA VAL D 32 26.32 9.93 11.27
C VAL D 32 26.07 11.00 10.23
N ASN D 33 26.09 10.59 8.97
CA ASN D 33 25.78 11.50 7.90
C ASN D 33 24.74 10.90 6.95
N PHE D 34 24.01 11.77 6.24
CA PHE D 34 23.15 11.31 5.16
C PHE D 34 23.39 12.18 3.95
N CYS D 35 23.12 11.58 2.77
N CYS D 35 23.24 11.61 2.76
CA CYS D 35 23.36 12.17 1.45
CA CYS D 35 23.14 12.44 1.57
C CYS D 35 22.41 11.55 0.42
C CYS D 35 22.40 11.66 0.51
N PRO D 36 21.48 12.35 -0.18
CA PRO D 36 20.72 11.73 -1.27
C PRO D 36 21.64 11.48 -2.48
N ALA D 37 21.36 10.40 -3.19
CA ALA D 37 22.09 10.03 -4.38
C ALA D 37 21.12 9.61 -5.47
N VAL D 38 20.86 10.50 -6.43
CA VAL D 38 20.01 10.14 -7.58
C VAL D 38 20.77 9.23 -8.57
N TRP D 39 22.10 9.29 -8.55
CA TRP D 39 22.86 8.37 -9.37
C TRP D 39 23.01 7.08 -8.58
N ASN D 40 22.05 6.20 -8.79
CA ASN D 40 22.05 4.92 -8.12
C ASN D 40 21.41 3.91 -9.03
N THR D 41 21.77 2.65 -8.85
CA THR D 41 21.15 1.56 -9.61
C THR D 41 21.43 0.21 -9.00
N GLY D 42 20.52 -0.73 -9.24
CA GLY D 42 20.84 -2.14 -9.06
C GLY D 42 22.02 -2.51 -9.94
N LEU D 43 22.84 -3.46 -9.48
CA LEU D 43 23.97 -3.90 -10.29
C LEU D 43 24.04 -5.40 -10.50
N SER D 44 23.39 -6.16 -9.62
CA SER D 44 23.33 -7.61 -9.69
C SER D 44 22.16 -8.12 -8.88
N ALA D 45 21.53 -9.20 -9.34
CA ALA D 45 20.47 -9.83 -8.55
C ALA D 45 21.02 -10.93 -7.64
N ASP D 46 21.90 -11.77 -8.19
CA ASP D 46 22.53 -12.86 -7.45
C ASP D 46 24.04 -12.80 -7.59
N PRO D 47 24.75 -12.24 -6.59
CA PRO D 47 24.25 -11.72 -5.32
C PRO D 47 23.57 -10.34 -5.47
N PRO D 48 22.82 -9.89 -4.45
N PRO D 48 22.76 -9.93 -4.48
CA PRO D 48 22.14 -8.60 -4.56
CA PRO D 48 22.14 -8.60 -4.59
C PRO D 48 23.11 -7.42 -4.36
C PRO D 48 23.15 -7.46 -4.38
N LEU D 49 23.44 -6.73 -5.46
CA LEU D 49 24.35 -5.60 -5.41
C LEU D 49 23.72 -4.31 -5.91
N PHE D 50 24.11 -3.21 -5.28
CA PHE D 50 23.46 -1.94 -5.50
C PHE D 50 24.55 -0.89 -5.44
N GLY D 51 24.57 0.00 -6.44
CA GLY D 51 25.53 1.06 -6.51
C GLY D 51 25.01 2.45 -6.28
N VAL D 52 25.82 3.27 -5.60
CA VAL D 52 25.60 4.70 -5.52
C VAL D 52 26.85 5.41 -6.00
N SER D 53 26.65 6.46 -6.81
CA SER D 53 27.78 7.21 -7.35
C SER D 53 27.90 8.52 -6.56
N ILE D 54 29.05 8.68 -5.89
CA ILE D 54 29.26 9.75 -4.90
C ILE D 54 30.50 10.55 -5.27
N SER D 55 30.37 11.87 -5.31
CA SER D 55 31.51 12.73 -5.61
C SER D 55 32.51 12.72 -4.46
N PRO D 56 33.81 12.65 -4.78
CA PRO D 56 34.85 12.79 -3.76
C PRO D 56 34.76 14.12 -3.00
N LYS D 57 33.97 15.07 -3.50
CA LYS D 57 33.75 16.35 -2.82
C LYS D 57 32.79 16.25 -1.63
N ARG D 58 31.97 15.20 -1.61
CA ARG D 58 30.98 15.01 -0.55
C ARG D 58 31.67 14.51 0.72
N PHE D 59 31.29 15.09 1.85
CA PHE D 59 31.72 14.61 3.16
C PHE D 59 31.43 13.10 3.28
N THR D 60 30.29 12.69 2.74
CA THR D 60 29.89 11.27 2.73
C THR D 60 30.95 10.31 2.16
N HIS D 61 31.69 10.78 1.16
CA HIS D 61 32.64 9.97 0.43
C HIS D 61 33.72 9.38 1.33
N GLY D 62 34.37 10.25 2.11
CA GLY D 62 35.41 9.80 3.05
C GLY D 62 34.85 8.89 4.12
N LEU D 63 33.63 9.20 4.58
CA LEU D 63 33.00 8.39 5.60
C LEU D 63 32.74 6.98 5.07
N LEU D 64 32.32 6.89 3.82
CA LEU D 64 32.09 5.60 3.17
C LEU D 64 33.37 4.78 3.06
N LEU D 65 34.47 5.44 2.69
CA LEU D 65 35.76 4.77 2.57
C LEU D 65 36.26 4.27 3.91
N LYS D 66 35.94 4.99 4.98
CA LYS D 66 36.34 4.57 6.33
C LYS D 66 35.44 3.46 6.90
N ALA D 67 34.13 3.62 6.73
CA ALA D 67 33.17 2.72 7.34
C ALA D 67 33.02 1.38 6.61
N ARG D 68 33.13 1.40 5.29
CA ARG D 68 32.95 0.19 4.47
C ARG D 68 31.54 -0.42 4.62
N ARG D 69 30.63 0.34 5.22
CA ARG D 69 29.24 -0.08 5.37
C ARG D 69 28.39 1.16 5.23
N PHE D 70 27.20 0.99 4.65
CA PHE D 70 26.25 2.11 4.56
C PHE D 70 24.81 1.63 4.38
N SER D 71 23.88 2.56 4.50
CA SER D 71 22.49 2.29 4.12
C SER D 71 22.12 3.00 2.82
N ALA D 72 21.08 2.49 2.18
CA ALA D 72 20.46 3.16 1.07
C ALA D 72 18.96 3.06 1.36
N SER D 73 18.34 4.19 1.66
CA SER D 73 16.91 4.19 2.00
C SER D 73 16.08 4.98 0.99
N PHE D 74 14.83 4.54 0.85
CA PHE D 74 13.94 5.02 -0.20
C PHE D 74 12.68 5.57 0.44
N HIS D 75 12.40 6.84 0.15
CA HIS D 75 11.47 7.65 0.93
C HIS D 75 10.25 8.10 0.16
N PRO D 76 9.10 8.24 0.86
CA PRO D 76 7.87 8.66 0.21
C PRO D 76 7.90 10.14 -0.16
N PHE D 77 7.11 10.52 -1.15
CA PHE D 77 7.04 11.92 -1.59
C PHE D 77 6.79 12.91 -0.45
N GLY D 78 6.15 12.44 0.62
CA GLY D 78 5.92 13.27 1.80
C GLY D 78 7.20 13.81 2.42
N GLN D 79 8.31 13.08 2.23
CA GLN D 79 9.60 13.48 2.81
C GLN D 79 10.48 14.27 1.83
N LYS D 80 9.87 14.80 0.77
CA LYS D 80 10.58 15.66 -0.19
C LYS D 80 11.40 16.77 0.47
N ASP D 81 10.84 17.41 1.51
CA ASP D 81 11.56 18.51 2.16
C ASP D 81 12.81 18.06 2.90
N LEU D 82 12.71 16.97 3.67
CA LEU D 82 13.85 16.42 4.39
C LEU D 82 14.96 15.95 3.45
N VAL D 83 14.57 15.23 2.39
CA VAL D 83 15.54 14.71 1.43
C VAL D 83 16.26 15.86 0.74
N HIS D 84 15.51 16.90 0.35
CA HIS D 84 16.12 18.06 -0.29
C HIS D 84 17.09 18.79 0.65
N TRP D 85 16.70 18.92 1.92
CA TRP D 85 17.56 19.52 2.95
C TRP D 85 18.88 18.75 3.07
N LEU D 86 18.79 17.43 3.22
CA LEU D 86 19.99 16.59 3.38
C LEU D 86 20.96 16.70 2.21
N GLY D 87 20.46 17.00 1.01
CA GLY D 87 21.33 17.16 -0.15
C GLY D 87 21.59 18.60 -0.54
N SER D 88 21.25 19.52 0.36
CA SER D 88 21.48 20.96 0.21
C SER D 88 22.58 21.48 1.14
N HIS D 89 23.00 20.64 2.09
CA HIS D 89 24.03 21.02 3.05
C HIS D 89 24.96 19.84 3.28
N SER D 90 26.21 20.16 3.62
CA SER D 90 27.22 19.16 3.92
C SER D 90 27.40 18.94 5.41
N GLY D 91 27.75 17.68 5.72
CA GLY D 91 28.21 17.29 7.04
C GLY D 91 29.43 18.07 7.51
N ARG D 92 30.10 18.76 6.59
CA ARG D 92 31.18 19.68 6.96
C ARG D 92 30.64 20.89 7.74
N GLU D 93 29.35 21.17 7.56
CA GLU D 93 28.74 22.39 8.13
C GLU D 93 27.56 22.13 9.07
N VAL D 94 26.97 20.94 9.03
N VAL D 94 26.95 20.95 8.97
CA VAL D 94 25.78 20.67 9.83
CA VAL D 94 25.79 20.60 9.78
C VAL D 94 25.68 19.19 10.17
C VAL D 94 25.94 19.15 10.24
N ASP D 95 25.48 18.88 11.46
CA ASP D 95 25.36 17.49 11.90
C ASP D 95 24.04 16.90 11.41
N LYS D 96 24.10 16.22 10.27
CA LYS D 96 22.91 15.62 9.70
C LYS D 96 22.45 14.39 10.48
N GLY D 97 23.34 13.89 11.34
CA GLY D 97 23.03 12.82 12.29
C GLY D 97 21.83 13.15 13.15
N GLN D 98 21.57 14.44 13.35
CA GLN D 98 20.39 14.90 14.08
C GLN D 98 19.05 14.56 13.42
N ALA D 99 19.07 14.21 12.13
CA ALA D 99 17.84 13.78 11.49
C ALA D 99 17.44 12.45 12.11
N PRO D 100 16.16 12.28 12.45
CA PRO D 100 15.76 11.04 13.08
C PRO D 100 16.11 9.82 12.25
N HIS D 101 16.69 8.82 12.92
CA HIS D 101 17.18 7.64 12.26
C HIS D 101 17.37 6.55 13.31
N PHE D 102 17.57 5.32 12.84
CA PHE D 102 17.91 4.21 13.72
C PHE D 102 19.12 3.48 13.16
N LEU D 103 19.79 2.73 14.02
CA LEU D 103 20.84 1.85 13.53
C LEU D 103 20.28 0.53 13.06
N GLY D 104 20.83 0.01 11.96
CA GLY D 104 20.41 -1.28 11.42
C GLY D 104 21.13 -2.43 12.10
N HIS D 105 20.84 -3.64 11.64
CA HIS D 105 21.46 -4.86 12.16
C HIS D 105 22.98 -4.78 12.16
N THR D 106 23.54 -4.19 11.11
CA THR D 106 24.99 -4.09 10.94
C THR D 106 25.52 -2.75 11.42
N GLY D 107 24.66 -1.98 12.09
CA GLY D 107 25.05 -0.70 12.72
C GLY D 107 25.06 0.50 11.78
N VAL D 108 24.62 0.33 10.54
CA VAL D 108 24.50 1.45 9.62
C VAL D 108 23.32 2.34 10.01
N PRO D 109 23.45 3.66 9.84
CA PRO D 109 22.31 4.52 10.17
C PRO D 109 21.32 4.52 9.03
N ILE D 110 20.04 4.37 9.35
CA ILE D 110 18.96 4.36 8.35
C ILE D 110 18.03 5.48 8.73
N LEU D 111 17.85 6.44 7.81
CA LEU D 111 16.96 7.59 8.02
C LEU D 111 15.51 7.13 8.23
N GLU D 112 14.84 7.73 9.22
N GLU D 112 14.84 7.70 9.23
CA GLU D 112 13.45 7.39 9.56
CA GLU D 112 13.46 7.29 9.55
C GLU D 112 12.46 7.77 8.47
C GLU D 112 12.45 7.76 8.50
N GLY D 113 11.42 6.95 8.30
CA GLY D 113 10.33 7.30 7.39
C GLY D 113 10.37 6.63 6.03
N ALA D 114 11.44 5.89 5.75
CA ALA D 114 11.57 5.18 4.48
C ALA D 114 10.54 4.08 4.34
N TYR D 115 10.05 3.84 3.12
CA TYR D 115 9.23 2.64 2.88
C TYR D 115 10.09 1.39 2.76
N ALA D 116 11.39 1.59 2.47
CA ALA D 116 12.32 0.47 2.31
C ALA D 116 13.74 0.96 2.48
N ALA D 117 14.64 0.05 2.83
CA ALA D 117 16.06 0.37 2.91
C ALA D 117 16.94 -0.85 2.88
N TYR D 118 18.15 -0.66 2.37
CA TYR D 118 19.16 -1.68 2.40
C TYR D 118 20.24 -1.32 3.41
N GLU D 119 20.76 -2.33 4.08
CA GLU D 119 22.05 -2.25 4.74
C GLU D 119 23.04 -2.88 3.79
N LEU D 120 24.16 -2.18 3.56
CA LEU D 120 25.11 -2.59 2.55
C LEU D 120 26.50 -2.72 3.11
N GLU D 121 27.18 -3.76 2.65
CA GLU D 121 28.58 -3.96 2.88
C GLU D 121 29.32 -3.45 1.64
N LEU D 122 30.26 -2.52 1.83
CA LEU D 122 30.98 -1.98 0.67
C LEU D 122 31.90 -3.02 0.07
N LEU D 123 31.70 -3.31 -1.21
CA LEU D 123 32.47 -4.35 -1.89
C LEU D 123 33.61 -3.75 -2.70
N GLU D 124 33.31 -2.72 -3.49
CA GLU D 124 34.27 -2.11 -4.41
C GLU D 124 33.93 -0.65 -4.63
N VAL D 125 34.95 0.13 -4.97
CA VAL D 125 34.77 1.52 -5.37
C VAL D 125 35.53 1.72 -6.67
N HIS D 126 34.85 2.32 -7.65
CA HIS D 126 35.44 2.57 -8.96
C HIS D 126 35.29 4.03 -9.35
N THR D 127 36.38 4.62 -9.80
CA THR D 127 36.34 6.00 -10.28
C THR D 127 35.92 6.06 -11.75
N PHE D 128 34.82 6.77 -12.01
CA PHE D 128 34.40 7.10 -13.37
C PHE D 128 34.26 8.61 -13.47
N GLY D 129 35.26 9.25 -14.08
CA GLY D 129 35.28 10.70 -14.17
C GLY D 129 35.19 11.34 -12.80
N ASP D 130 34.25 12.27 -12.63
CA ASP D 130 34.21 13.09 -11.41
C ASP D 130 33.41 12.50 -10.24
N HIS D 131 32.87 11.29 -10.41
CA HIS D 131 32.23 10.57 -9.31
C HIS D 131 32.80 9.17 -9.14
N ASP D 132 32.73 8.66 -7.91
CA ASP D 132 33.10 7.29 -7.61
C ASP D 132 31.88 6.41 -7.39
N LEU D 133 31.83 5.27 -8.08
CA LEU D 133 30.76 4.31 -7.84
C LEU D 133 31.10 3.40 -6.67
N PHE D 134 30.25 3.47 -5.64
CA PHE D 134 30.36 2.62 -4.46
C PHE D 134 29.43 1.42 -4.65
N VAL D 135 30.03 0.24 -4.79
CA VAL D 135 29.29 -0.99 -5.05
C VAL D 135 29.07 -1.74 -3.74
N GLY D 136 27.83 -1.79 -3.30
CA GLY D 136 27.48 -2.45 -2.05
C GLY D 136 26.75 -3.76 -2.23
N ARG D 137 27.04 -4.71 -1.35
CA ARG D 137 26.23 -5.92 -1.24
C ARG D 137 25.12 -5.73 -0.22
N VAL D 138 23.88 -6.01 -0.62
CA VAL D 138 22.76 -5.93 0.29
C VAL D 138 22.89 -7.09 1.26
N VAL D 139 23.05 -6.74 2.54
CA VAL D 139 23.14 -7.74 3.59
C VAL D 139 21.92 -7.76 4.52
N ALA D 140 21.12 -6.70 4.48
CA ALA D 140 19.83 -6.71 5.17
C ALA D 140 18.83 -5.78 4.49
N VAL D 141 17.55 -6.03 4.74
CA VAL D 141 16.48 -5.36 4.03
C VAL D 141 15.44 -4.94 5.06
N TRP D 142 15.02 -3.69 4.93
CA TRP D 142 13.96 -3.12 5.74
C TRP D 142 12.81 -2.80 4.80
N GLU D 143 11.59 -3.11 5.23
CA GLU D 143 10.40 -2.84 4.45
C GLU D 143 9.30 -2.33 5.35
N GLU D 144 8.62 -1.28 4.91
CA GLU D 144 7.41 -0.81 5.56
C GLU D 144 6.23 -1.52 4.92
N GLU D 145 5.77 -2.51 5.70
N GLU D 145 5.77 -2.64 5.50
CA GLU D 145 4.52 -3.23 5.50
CA GLU D 145 4.85 -3.59 4.77
C GLU D 145 3.39 -2.31 5.12
C GLU D 145 3.87 -3.03 3.71
N GLY D 146 2.64 -2.76 4.14
CA GLY D 146 1.61 -2.00 3.44
C GLY D 146 1.94 -0.80 2.56
N LEU D 147 3.23 -0.45 2.47
CA LEU D 147 3.63 0.59 1.51
C LEU D 147 4.25 -0.02 0.25
N LEU D 148 4.54 -1.31 0.32
CA LEU D 148 5.03 -2.07 -0.83
C LEU D 148 3.97 -3.08 -1.26
N ASP D 149 3.96 -3.41 -2.56
CA ASP D 149 2.98 -4.35 -3.09
C ASP D 149 3.44 -5.82 -2.99
N GLU D 150 2.66 -6.71 -3.58
CA GLU D 150 2.85 -8.16 -3.54
C GLU D 150 4.27 -8.59 -3.92
N LYS D 151 4.85 -7.91 -4.92
CA LYS D 151 6.15 -8.30 -5.46
C LYS D 151 7.31 -7.46 -4.92
N GLY D 152 7.00 -6.44 -4.13
CA GLY D 152 8.02 -5.65 -3.43
C GLY D 152 8.21 -4.21 -3.90
N ARG D 153 7.49 -3.80 -4.96
CA ARG D 153 7.58 -2.43 -5.43
C ARG D 153 6.75 -1.51 -4.54
N PRO D 154 7.27 -0.31 -4.24
CA PRO D 154 6.49 0.70 -3.53
C PRO D 154 5.17 0.96 -4.25
N LYS D 155 4.11 1.11 -3.46
CA LYS D 155 2.78 1.33 -4.02
C LYS D 155 2.77 2.49 -5.00
N PRO D 156 2.04 2.34 -6.13
CA PRO D 156 1.87 3.38 -7.14
C PRO D 156 1.72 4.77 -6.53
N GLY D 157 2.56 5.71 -6.97
CA GLY D 157 2.45 7.11 -6.55
C GLY D 157 3.16 7.51 -5.28
N LEU D 158 3.73 6.56 -4.56
CA LEU D 158 4.37 6.82 -3.26
C LEU D 158 5.80 7.34 -3.37
N ALA D 159 6.54 6.83 -4.35
CA ALA D 159 7.98 7.12 -4.47
C ALA D 159 8.28 8.60 -4.65
N LEU D 160 9.31 9.08 -3.97
CA LEU D 160 9.85 10.41 -4.25
C LEU D 160 10.65 10.30 -5.55
N LEU D 161 10.37 11.21 -6.48
CA LEU D 161 11.15 11.31 -7.71
C LEU D 161 11.93 12.62 -7.74
N TYR D 162 13.10 12.59 -8.37
CA TYR D 162 13.93 13.79 -8.50
C TYR D 162 14.18 14.05 -9.97
N TYR D 163 13.99 15.31 -10.38
CA TYR D 163 14.12 15.73 -11.77
C TYR D 163 15.41 16.45 -12.06
N GLY D 164 16.22 16.67 -11.03
CA GLY D 164 17.46 17.43 -11.15
C GLY D 164 17.23 18.88 -10.78
N LYS D 165 18.30 19.56 -10.38
CA LYS D 165 18.24 20.97 -9.97
C LYS D 165 17.04 21.34 -9.09
N GLY D 166 16.90 20.59 -8.00
CA GLY D 166 15.99 20.92 -6.91
C GLY D 166 14.51 20.77 -7.21
N LEU D 167 14.18 20.07 -8.29
CA LEU D 167 12.78 19.79 -8.62
C LEU D 167 12.40 18.34 -8.35
N TYR D 168 11.26 18.15 -7.71
CA TYR D 168 10.79 16.82 -7.33
C TYR D 168 9.38 16.51 -7.80
N GLY D 169 9.08 15.22 -7.84
CA GLY D 169 7.73 14.74 -8.10
C GLY D 169 7.52 13.35 -7.51
N ARG D 170 6.50 12.68 -8.03
CA ARG D 170 6.14 11.34 -7.60
C ARG D 170 5.59 10.63 -8.82
N PRO D 171 5.45 9.29 -8.76
CA PRO D 171 4.87 8.61 -9.90
C PRO D 171 3.36 8.86 -9.97
N ALA D 172 2.78 8.79 -11.15
CA ALA D 172 1.32 8.80 -11.28
C ALA D 172 0.71 7.61 -10.55
N GLU D 173 -0.57 7.73 -10.20
CA GLU D 173 -1.27 6.65 -9.53
C GLU D 173 -1.47 5.43 -10.43
N GLU D 174 -1.82 5.68 -11.68
CA GLU D 174 -2.14 4.62 -12.64
C GLU D 174 -0.91 3.83 -13.09
N THR D 175 -1.03 2.50 -13.05
CA THR D 175 0.01 1.61 -13.58
C THR D 175 -0.55 0.75 -14.71
N PHE D 176 0.34 0.30 -15.58
CA PHE D 176 -0.05 -0.43 -16.80
C PHE D 176 0.81 -1.69 -16.96
N ALA D 177 0.15 -2.83 -17.21
CA ALA D 177 0.85 -4.11 -17.27
C ALA D 177 0.60 -4.84 -18.60
N PRO D 178 1.34 -4.45 -19.66
CA PRO D 178 1.12 -5.00 -21.00
C PRO D 178 1.26 -6.52 -21.06
#